data_2OH1
#
_entry.id   2OH1
#
_cell.length_a   65.624
_cell.length_b   99.833
_cell.length_c   122.878
_cell.angle_alpha   90.000
_cell.angle_beta   90.000
_cell.angle_gamma   90.000
#
_symmetry.space_group_name_H-M   'P 21 21 21'
#
loop_
_entity.id
_entity.type
_entity.pdbx_description
1 polymer 'Acetyltransferase, GNAT family'
2 non-polymer 'UNKNOWN LIGAND'
3 non-polymer 1,2-ETHANEDIOL
4 water water
#
_entity_poly.entity_id   1
_entity_poly.type   'polypeptide(L)'
_entity_poly.pdbx_seq_one_letter_code
;G(MSE)NQNKITAGGLEFLVRFAAPTDRLKINDL(MSE)IDTARWLKESGSTQWSDILHGFDVHNIEQRIELGEVALFET
EAGALAGA(MSE)IIRKTPSDWDTDLWEDLAIDKAYYLHRI(MSE)VSRAFSGISLSKQ(MSE)IYFAEKLGIE(MSE)S
VPFIRLDCIESNETLNQ(MSE)YVRYGFQFSGKKNGFYLYQKELSQK
;
_entity_poly.pdbx_strand_id   A,B,C,D
#
loop_
_chem_comp.id
_chem_comp.type
_chem_comp.name
_chem_comp.formula
EDO non-polymer 1,2-ETHANEDIOL 'C2 H6 O2'
UNL non-polymer 'UNKNOWN LIGAND' ?
#
# COMPACT_ATOMS: atom_id res chain seq x y z
CA ASN A 5 9.49 -17.21 17.86
C ASN A 5 8.93 -18.59 17.43
N LYS A 6 9.03 -19.60 18.30
CA LYS A 6 8.50 -20.95 18.02
C LYS A 6 7.29 -21.20 18.93
N ILE A 7 6.30 -21.91 18.43
CA ILE A 7 5.25 -22.47 19.28
C ILE A 7 5.16 -23.97 18.93
N THR A 8 4.59 -24.74 19.85
CA THR A 8 4.40 -26.18 19.67
C THR A 8 2.94 -26.45 19.92
N ALA A 9 2.32 -27.21 19.02
CA ALA A 9 0.93 -27.61 19.23
C ALA A 9 0.78 -29.01 18.66
N GLY A 10 0.13 -29.86 19.43
CA GLY A 10 -0.17 -31.24 19.00
C GLY A 10 1.10 -31.98 18.80
N GLY A 11 2.16 -31.58 19.52
CA GLY A 11 3.47 -32.13 19.26
C GLY A 11 4.14 -31.73 17.97
N LEU A 12 3.66 -30.69 17.29
CA LEU A 12 4.24 -30.22 16.03
C LEU A 12 4.78 -28.77 16.22
N GLU A 13 5.79 -28.38 15.48
CA GLU A 13 6.46 -27.08 15.65
C GLU A 13 5.98 -26.04 14.58
N PHE A 14 5.80 -24.79 15.00
CA PHE A 14 5.38 -23.68 14.14
C PHE A 14 6.21 -22.46 14.49
N LEU A 15 6.38 -21.59 13.51
CA LEU A 15 7.06 -20.37 13.64
C LEU A 15 6.07 -19.21 13.61
N VAL A 16 6.27 -18.25 14.51
N VAL A 16 6.29 -18.23 14.47
CA VAL A 16 5.37 -17.09 14.62
CA VAL A 16 5.40 -17.09 14.56
C VAL A 16 6.08 -15.81 14.22
C VAL A 16 6.14 -15.85 14.12
N ARG A 17 5.43 -15.00 13.39
CA ARG A 17 5.96 -13.69 13.04
C ARG A 17 4.80 -12.73 12.80
N PHE A 18 5.05 -11.45 12.96
CA PHE A 18 4.03 -10.47 12.58
C PHE A 18 3.99 -10.33 11.06
N ALA A 19 2.83 -10.17 10.47
CA ALA A 19 2.65 -9.99 9.01
C ALA A 19 3.40 -8.77 8.53
N ALA A 20 3.87 -8.86 7.31
CA ALA A 20 4.44 -7.75 6.56
C ALA A 20 3.60 -7.41 5.34
N PRO A 21 3.85 -6.23 4.75
CA PRO A 21 3.05 -5.90 3.59
C PRO A 21 2.97 -6.97 2.50
N THR A 22 4.03 -7.74 2.22
CA THR A 22 3.99 -8.76 1.20
C THR A 22 3.10 -9.94 1.53
N ASP A 23 2.63 -10.04 2.77
CA ASP A 23 1.69 -11.08 3.20
C ASP A 23 0.26 -10.79 2.90
N ARG A 24 -0.04 -9.56 2.46
CA ARG A 24 -1.42 -9.11 2.30
C ARG A 24 -2.27 -10.03 1.47
N LEU A 25 -1.79 -10.40 0.32
CA LEU A 25 -2.65 -11.12 -0.65
C LEU A 25 -2.97 -12.50 -0.10
N LYS A 26 -2.03 -13.10 0.60
CA LYS A 26 -2.25 -14.37 1.22
C LYS A 26 -3.22 -14.34 2.42
N ILE A 27 -3.14 -13.29 3.25
CA ILE A 27 -4.11 -13.10 4.30
C ILE A 27 -5.52 -12.86 3.72
N ASN A 28 -5.61 -12.07 2.66
N ASN A 28 -5.67 -12.06 2.68
CA ASN A 28 -6.86 -11.75 1.96
CA ASN A 28 -6.97 -11.94 2.05
C ASN A 28 -7.52 -13.02 1.42
C ASN A 28 -7.51 -13.29 1.71
N ASP A 29 -6.70 -14.00 0.99
CA ASP A 29 -7.18 -15.29 0.45
C ASP A 29 -7.63 -16.16 1.58
N LEU A 30 -6.88 -16.13 2.67
CA LEU A 30 -7.24 -16.83 3.87
C LEU A 30 -8.61 -16.36 4.50
N MSE A 31 -8.82 -15.05 4.50
N MSE A 31 -8.85 -15.06 4.51
CA MSE A 31 -10.08 -14.44 4.97
CA MSE A 31 -10.11 -14.51 5.03
C MSE A 31 -11.22 -14.94 4.11
C MSE A 31 -11.29 -14.85 4.11
O MSE A 31 -12.19 -15.48 4.67
O MSE A 31 -12.39 -15.14 4.57
CB MSE A 31 -10.02 -12.91 4.96
CB MSE A 31 -9.97 -13.00 5.27
CG MSE A 31 -8.96 -12.38 5.92
CG MSE A 31 -9.02 -12.62 6.43
SE MSE A 31 -8.93 -10.49 6.09
SE MSE A 31 -8.91 -10.71 6.50
CE MSE A 31 -8.23 -10.34 7.90
CE MSE A 31 -8.02 -10.24 4.87
N ILE A 32 -11.08 -14.78 2.80
CA ILE A 32 -12.11 -15.16 1.81
C ILE A 32 -12.45 -16.62 2.02
N ASP A 33 -11.44 -17.47 2.16
CA ASP A 33 -11.65 -18.90 2.25
C ASP A 33 -12.31 -19.27 3.58
N THR A 34 -11.93 -18.58 4.67
CA THR A 34 -12.51 -18.81 5.97
C THR A 34 -14.02 -18.38 5.98
N ALA A 35 -14.35 -17.25 5.34
CA ALA A 35 -15.74 -16.79 5.26
C ALA A 35 -16.60 -17.80 4.48
N ARG A 36 -16.10 -18.23 3.32
CA ARG A 36 -16.79 -19.22 2.49
C ARG A 36 -17.02 -20.49 3.29
N TRP A 37 -16.01 -20.89 4.03
CA TRP A 37 -16.08 -22.14 4.78
C TRP A 37 -17.12 -22.05 5.91
N LEU A 38 -17.14 -20.92 6.62
CA LEU A 38 -18.16 -20.68 7.67
C LEU A 38 -19.57 -20.74 7.12
N LYS A 39 -19.83 -20.14 5.97
CA LYS A 39 -21.11 -20.23 5.35
C LYS A 39 -21.48 -21.68 5.00
N GLU A 40 -20.56 -22.36 4.31
CA GLU A 40 -20.82 -23.72 3.79
C GLU A 40 -20.95 -24.72 4.88
N SER A 41 -20.38 -24.42 6.02
CA SER A 41 -20.41 -25.34 7.13
C SER A 41 -21.76 -25.30 7.81
N GLY A 42 -22.58 -24.30 7.47
CA GLY A 42 -23.95 -24.17 7.98
C GLY A 42 -24.00 -23.64 9.38
N SER A 43 -22.82 -23.28 9.86
CA SER A 43 -22.66 -22.84 11.23
C SER A 43 -22.57 -21.31 11.13
N THR A 44 -23.73 -20.69 10.83
CA THR A 44 -23.83 -19.23 10.57
C THR A 44 -24.37 -18.55 11.80
N GLN A 45 -23.48 -17.81 12.43
CA GLN A 45 -23.77 -17.09 13.63
C GLN A 45 -23.95 -15.61 13.28
N TRP A 46 -24.92 -14.95 13.91
CA TRP A 46 -25.16 -13.53 13.60
C TRP A 46 -23.93 -12.68 13.93
N SER A 47 -23.14 -13.11 14.91
CA SER A 47 -21.92 -12.42 15.23
C SER A 47 -20.89 -12.38 14.08
N ASP A 48 -20.86 -13.42 13.23
CA ASP A 48 -19.94 -13.43 12.09
C ASP A 48 -20.44 -12.49 11.03
N ILE A 49 -21.73 -12.43 10.89
CA ILE A 49 -22.41 -11.49 9.98
C ILE A 49 -22.12 -10.05 10.48
N LEU A 50 -22.04 -9.83 11.79
CA LEU A 50 -21.74 -8.51 12.29
C LEU A 50 -20.26 -8.17 12.09
N HIS A 51 -19.37 -9.04 12.56
CA HIS A 51 -17.94 -8.71 12.64
C HIS A 51 -17.25 -8.83 11.30
N GLY A 52 -17.61 -9.81 10.49
CA GLY A 52 -16.90 -10.10 9.27
C GLY A 52 -15.41 -10.43 9.49
N PHE A 53 -14.65 -10.24 8.42
CA PHE A 53 -13.21 -10.39 8.40
C PHE A 53 -12.61 -9.15 7.83
N ASP A 54 -11.55 -8.64 8.44
CA ASP A 54 -11.05 -7.30 8.11
C ASP A 54 -10.26 -7.14 6.83
N VAL A 55 -10.95 -7.38 5.73
CA VAL A 55 -10.38 -7.16 4.40
C VAL A 55 -10.22 -5.68 4.05
N HIS A 56 -11.05 -4.83 4.58
CA HIS A 56 -11.08 -3.42 4.16
C HIS A 56 -9.93 -2.59 4.76
N ASN A 57 -9.40 -3.05 5.92
CA ASN A 57 -8.37 -2.31 6.63
C ASN A 57 -7.14 -3.16 6.89
N ILE A 58 -6.95 -4.19 6.07
CA ILE A 58 -5.83 -5.09 6.30
C ILE A 58 -4.47 -4.40 6.30
N GLU A 59 -4.30 -3.36 5.48
CA GLU A 59 -2.98 -2.68 5.42
C GLU A 59 -2.67 -2.02 6.75
N GLN A 60 -3.68 -1.43 7.38
N GLN A 60 -3.71 -1.42 7.34
CA GLN A 60 -3.44 -0.77 8.65
CA GLN A 60 -3.62 -0.76 8.65
C GLN A 60 -3.30 -1.80 9.77
C GLN A 60 -3.27 -1.81 9.69
N ARG A 61 -4.01 -2.91 9.67
CA ARG A 61 -3.73 -4.04 10.62
C ARG A 61 -2.24 -4.48 10.56
N ILE A 62 -1.72 -4.63 9.35
CA ILE A 62 -0.31 -4.97 9.14
C ILE A 62 0.62 -3.88 9.67
N GLU A 63 0.35 -2.62 9.34
CA GLU A 63 1.16 -1.54 9.79
C GLU A 63 1.27 -1.43 11.29
N LEU A 64 0.16 -1.70 11.96
CA LEU A 64 0.12 -1.56 13.40
C LEU A 64 0.57 -2.80 14.16
N GLY A 65 1.00 -3.82 13.43
CA GLY A 65 1.50 -5.03 14.09
C GLY A 65 0.39 -5.84 14.77
N GLU A 66 -0.77 -5.83 14.15
CA GLU A 66 -1.95 -6.47 14.70
C GLU A 66 -2.29 -7.80 14.04
N VAL A 67 -1.46 -8.28 13.12
CA VAL A 67 -1.65 -9.57 12.49
C VAL A 67 -0.48 -10.48 12.79
N ALA A 68 -0.72 -11.60 13.43
CA ALA A 68 0.33 -12.59 13.71
C ALA A 68 0.11 -13.81 12.85
N LEU A 69 1.16 -14.33 12.22
CA LEU A 69 1.13 -15.45 11.33
C LEU A 69 1.86 -16.62 11.97
N PHE A 70 1.32 -17.81 11.77
CA PHE A 70 1.80 -19.07 12.39
C PHE A 70 2.06 -20.00 11.22
N GLU A 71 3.33 -20.31 10.98
CA GLU A 71 3.75 -21.06 9.79
C GLU A 71 4.52 -22.33 10.15
N THR A 72 4.50 -23.31 9.26
CA THR A 72 5.39 -24.46 9.41
C THR A 72 6.78 -24.07 8.91
N GLU A 73 7.78 -24.89 9.25
CA GLU A 73 9.16 -24.68 8.78
C GLU A 73 9.24 -24.63 7.26
N ALA A 74 8.41 -25.41 6.58
CA ALA A 74 8.40 -25.43 5.13
C ALA A 74 7.67 -24.22 4.55
N GLY A 75 7.01 -23.45 5.41
CA GLY A 75 6.37 -22.18 5.01
C GLY A 75 4.88 -22.20 4.78
N ALA A 76 4.19 -23.27 5.17
CA ALA A 76 2.72 -23.32 5.05
C ALA A 76 2.11 -22.39 6.11
N LEU A 77 1.08 -21.66 5.76
CA LEU A 77 0.39 -20.82 6.72
C LEU A 77 -0.61 -21.68 7.46
N ALA A 78 -0.32 -21.97 8.74
CA ALA A 78 -1.20 -22.76 9.61
C ALA A 78 -2.29 -21.97 10.29
N GLY A 79 -2.01 -20.72 10.63
CA GLY A 79 -2.99 -19.88 11.27
C GLY A 79 -2.63 -18.42 11.21
N ALA A 80 -3.63 -17.58 11.43
CA ALA A 80 -3.43 -16.15 11.52
C ALA A 80 -4.35 -15.61 12.57
N MSE A 81 -3.88 -14.61 13.28
CA MSE A 81 -4.60 -13.99 14.34
C MSE A 81 -4.64 -12.48 14.18
O MSE A 81 -3.59 -11.86 13.96
CB MSE A 81 -3.94 -14.35 15.63
CG MSE A 81 -4.56 -13.74 16.85
SE MSE A 81 -3.92 -14.40 18.55
CE MSE A 81 -2.14 -13.88 18.35
N ILE A 82 -5.84 -11.93 14.32
N ILE A 82 -5.79 -11.87 14.20
CA ILE A 82 -6.11 -10.51 14.28
CA ILE A 82 -5.86 -10.42 14.11
C ILE A 82 -6.31 -10.05 15.69
C ILE A 82 -6.34 -9.93 15.44
N ILE A 83 -5.49 -9.12 16.06
CA ILE A 83 -5.80 -8.43 17.29
C ILE A 83 -6.03 -6.94 17.12
N ARG A 84 -6.46 -6.33 18.19
CA ARG A 84 -6.47 -4.90 18.25
C ARG A 84 -5.64 -4.55 19.49
N LYS A 85 -4.61 -3.72 19.32
CA LYS A 85 -3.76 -3.34 20.46
C LYS A 85 -4.31 -2.19 21.29
N THR A 86 -5.40 -1.57 20.78
CA THR A 86 -6.24 -0.61 21.44
C THR A 86 -7.69 -0.95 21.09
N PRO A 87 -8.62 -0.61 21.95
CA PRO A 87 -10.01 -1.08 21.64
C PRO A 87 -10.54 -0.45 20.34
N SER A 88 -11.15 -1.27 19.50
CA SER A 88 -11.96 -0.72 18.40
C SER A 88 -13.16 0.04 18.99
N ASP A 89 -13.95 0.67 18.13
N ASP A 89 -13.96 0.68 18.13
CA ASP A 89 -15.16 1.38 18.60
CA ASP A 89 -15.22 1.33 18.59
C ASP A 89 -16.19 0.40 19.23
C ASP A 89 -16.16 0.37 19.28
N TRP A 90 -16.22 -0.83 18.71
CA TRP A 90 -17.11 -1.87 19.20
C TRP A 90 -16.60 -2.33 20.58
N ASP A 91 -15.29 -2.59 20.69
CA ASP A 91 -14.70 -3.04 21.98
C ASP A 91 -15.02 -2.01 23.03
N THR A 92 -14.87 -0.72 22.68
CA THR A 92 -15.10 0.31 23.66
C THR A 92 -16.55 0.36 24.10
N ASP A 93 -17.50 0.22 23.18
CA ASP A 93 -18.92 0.19 23.53
C ASP A 93 -19.27 -1.02 24.39
N LEU A 94 -18.75 -2.18 24.00
CA LEU A 94 -19.07 -3.41 24.66
C LEU A 94 -18.56 -3.46 26.11
N TRP A 95 -17.34 -2.99 26.34
CA TRP A 95 -16.62 -3.11 27.62
C TRP A 95 -16.94 -1.96 28.62
N GLU A 96 -17.62 -0.93 28.12
CA GLU A 96 -18.15 0.16 28.99
C GLU A 96 -17.01 0.71 29.83
N ASP A 97 -17.15 0.80 31.15
N ASP A 97 -17.23 0.74 31.14
CA ASP A 97 -16.13 1.53 31.90
CA ASP A 97 -16.31 1.32 32.09
C ASP A 97 -14.81 0.74 32.08
C ASP A 97 -14.88 0.78 31.92
N LEU A 98 -14.79 -0.50 31.62
CA LEU A 98 -13.53 -1.20 31.54
C LEU A 98 -12.74 -0.82 30.30
N ALA A 99 -13.34 -0.13 29.34
CA ALA A 99 -12.66 0.17 28.08
C ALA A 99 -11.44 1.10 28.26
N ILE A 100 -11.39 1.77 29.41
CA ILE A 100 -10.28 2.71 29.69
C ILE A 100 -9.00 1.99 30.15
N ASP A 101 -9.11 0.73 30.59
CA ASP A 101 -7.93 -0.12 30.89
C ASP A 101 -7.20 -0.42 29.61
N LYS A 102 -5.89 -0.50 29.69
CA LYS A 102 -5.13 -0.92 28.54
C LYS A 102 -5.36 -2.41 28.41
N ALA A 103 -5.58 -2.84 27.18
CA ALA A 103 -5.85 -4.23 26.89
C ALA A 103 -5.67 -4.43 25.40
N TYR A 104 -5.37 -5.67 25.02
CA TYR A 104 -5.45 -6.15 23.67
C TYR A 104 -6.74 -6.92 23.51
N TYR A 105 -7.36 -6.78 22.33
CA TYR A 105 -8.62 -7.39 22.02
C TYR A 105 -8.40 -8.37 20.87
N LEU A 106 -8.71 -9.64 21.09
N LEU A 106 -8.72 -9.63 21.13
CA LEU A 106 -8.51 -10.63 20.05
CA LEU A 106 -8.68 -10.64 20.10
C LEU A 106 -9.75 -10.72 19.20
C LEU A 106 -9.89 -10.43 19.22
N HIS A 107 -9.65 -10.24 17.94
CA HIS A 107 -10.76 -10.21 17.01
C HIS A 107 -11.01 -11.44 16.19
N ARG A 108 -9.98 -12.05 15.64
CA ARG A 108 -10.16 -13.24 14.83
C ARG A 108 -8.97 -14.18 14.97
N ILE A 109 -9.32 -15.44 15.22
N ILE A 109 -9.28 -15.47 15.13
CA ILE A 109 -8.46 -16.57 15.03
CA ILE A 109 -8.31 -16.55 15.13
C ILE A 109 -8.88 -17.28 13.76
C ILE A 109 -8.73 -17.46 13.97
N MSE A 110 -7.89 -17.56 12.94
CA MSE A 110 -8.11 -18.35 11.76
C MSE A 110 -7.13 -19.49 11.78
O MSE A 110 -5.93 -19.26 11.91
CB MSE A 110 -7.93 -17.56 10.49
CG MSE A 110 -9.03 -16.56 10.33
SE MSE A 110 -8.63 -15.26 8.91
CE MSE A 110 -7.53 -14.17 9.96
N VAL A 111 -7.61 -20.73 11.72
CA VAL A 111 -6.74 -21.92 11.65
C VAL A 111 -7.05 -22.67 10.40
N SER A 112 -6.00 -23.07 9.69
N SER A 112 -6.09 -22.86 9.51
CA SER A 112 -6.08 -23.97 8.51
CA SER A 112 -6.37 -23.62 8.30
C SER A 112 -6.60 -25.33 8.88
C SER A 112 -6.87 -25.02 8.71
N ARG A 113 -7.56 -25.86 8.11
N ARG A 113 -7.63 -25.69 7.84
CA ARG A 113 -8.15 -27.18 8.39
CA ARG A 113 -8.17 -27.00 8.22
C ARG A 113 -7.10 -28.25 8.40
C ARG A 113 -7.12 -28.09 8.42
N ALA A 114 -6.02 -28.05 7.66
CA ALA A 114 -4.92 -28.99 7.75
C ALA A 114 -4.40 -29.08 9.16
N PHE A 115 -4.51 -27.97 9.90
CA PHE A 115 -3.97 -27.93 11.28
C PHE A 115 -5.02 -27.73 12.33
N SER A 116 -6.27 -28.07 12.00
CA SER A 116 -7.35 -27.92 12.97
C SER A 116 -7.32 -29.11 13.95
N GLY A 117 -7.87 -28.94 15.14
CA GLY A 117 -7.90 -30.02 16.15
C GLY A 117 -6.62 -30.36 16.94
N ILE A 118 -5.65 -29.49 16.89
CA ILE A 118 -4.45 -29.65 17.67
C ILE A 118 -4.39 -28.52 18.73
N SER A 119 -5.50 -27.79 18.88
CA SER A 119 -5.58 -26.61 19.78
C SER A 119 -4.50 -25.59 19.44
N LEU A 120 -4.23 -25.41 18.13
CA LEU A 120 -3.33 -24.37 17.73
C LEU A 120 -3.78 -22.98 18.24
N SER A 121 -5.10 -22.77 18.33
CA SER A 121 -5.64 -21.49 18.80
C SER A 121 -5.15 -21.21 20.22
N LYS A 122 -4.96 -22.22 21.05
CA LYS A 122 -4.50 -22.00 22.43
C LYS A 122 -3.11 -21.37 22.39
N GLN A 123 -2.25 -21.85 21.51
CA GLN A 123 -0.91 -21.34 21.40
C GLN A 123 -0.88 -19.98 20.69
N MSE A 124 -1.81 -19.75 19.75
CA MSE A 124 -1.93 -18.43 19.13
C MSE A 124 -2.28 -17.37 20.19
O MSE A 124 -1.67 -16.32 20.30
CB MSE A 124 -2.95 -18.46 18.00
CG MSE A 124 -2.47 -19.38 16.93
SE MSE A 124 -3.72 -19.92 15.59
CE MSE A 124 -3.92 -18.24 14.99
N ILE A 125 -3.28 -17.69 21.03
CA ILE A 125 -3.65 -16.77 22.09
C ILE A 125 -2.49 -16.61 23.10
N TYR A 126 -1.80 -17.68 23.45
CA TYR A 126 -0.64 -17.61 24.34
C TYR A 126 0.42 -16.64 23.82
N PHE A 127 0.62 -16.61 22.50
CA PHE A 127 1.54 -15.66 21.91
C PHE A 127 1.08 -14.18 22.19
N ALA A 128 -0.22 -13.93 22.07
CA ALA A 128 -0.78 -12.60 22.36
C ALA A 128 -0.52 -12.25 23.85
N GLU A 129 -0.73 -13.23 24.73
CA GLU A 129 -0.47 -13.09 26.18
C GLU A 129 0.98 -12.66 26.39
N LYS A 130 1.90 -13.37 25.74
CA LYS A 130 3.35 -13.05 25.83
C LYS A 130 3.66 -11.65 25.31
N LEU A 131 3.05 -11.24 24.20
CA LEU A 131 3.20 -9.93 23.67
C LEU A 131 2.70 -8.86 24.68
N GLY A 132 1.53 -9.09 25.26
CA GLY A 132 0.97 -8.13 26.20
C GLY A 132 1.86 -8.01 27.42
N ILE A 133 2.39 -9.12 27.89
CA ILE A 133 3.33 -9.09 29.04
C ILE A 133 4.58 -8.26 28.67
N GLU A 134 5.15 -8.51 27.50
CA GLU A 134 6.34 -7.75 27.03
C GLU A 134 6.06 -6.26 26.99
N MSE A 135 4.83 -5.91 26.65
N MSE A 135 4.83 -5.90 26.62
CA MSE A 135 4.44 -4.53 26.48
CA MSE A 135 4.42 -4.51 26.47
C MSE A 135 3.73 -3.96 27.68
C MSE A 135 3.78 -3.93 27.71
O MSE A 135 3.16 -2.86 27.60
O MSE A 135 3.26 -2.81 27.66
CB MSE A 135 3.59 -4.44 25.21
CB MSE A 135 3.45 -4.38 25.29
CG MSE A 135 4.29 -4.98 23.95
CG MSE A 135 4.09 -4.64 23.93
SE MSE A 135 5.97 -4.13 23.62
SE MSE A 135 5.49 -3.40 23.46
CE MSE A 135 7.21 -5.42 24.30
CE MSE A 135 4.54 -1.72 23.55
N SER A 136 3.75 -4.68 28.81
CA SER A 136 3.13 -4.22 30.05
C SER A 136 1.63 -3.92 29.95
N VAL A 137 0.90 -4.70 29.17
CA VAL A 137 -0.52 -4.54 29.01
C VAL A 137 -1.20 -5.54 29.96
N PRO A 138 -2.11 -5.07 30.80
CA PRO A 138 -2.60 -5.94 31.88
C PRO A 138 -3.64 -7.02 31.53
N PHE A 139 -4.30 -6.91 30.35
CA PHE A 139 -5.36 -7.83 29.99
C PHE A 139 -5.34 -8.17 28.50
N ILE A 140 -5.73 -9.40 28.20
CA ILE A 140 -6.18 -9.79 26.86
C ILE A 140 -7.68 -10.01 27.01
N ARG A 141 -8.44 -9.49 26.04
CA ARG A 141 -9.92 -9.50 26.08
C ARG A 141 -10.48 -10.02 24.79
N LEU A 142 -11.65 -10.61 24.93
CA LEU A 142 -12.39 -11.00 23.74
C LEU A 142 -13.88 -11.14 24.08
N ASP A 143 -14.70 -11.20 23.03
CA ASP A 143 -16.14 -11.41 23.18
C ASP A 143 -16.57 -12.65 22.39
N CYS A 144 -17.69 -13.26 22.78
CA CYS A 144 -18.15 -14.51 22.15
C CYS A 144 -19.65 -14.47 22.16
N ILE A 145 -20.25 -14.81 21.03
CA ILE A 145 -21.68 -14.92 20.97
C ILE A 145 -22.18 -15.88 22.09
N GLU A 146 -23.24 -15.47 22.77
N GLU A 146 -23.24 -15.46 22.77
CA GLU A 146 -23.76 -16.24 23.92
CA GLU A 146 -23.78 -16.23 23.89
C GLU A 146 -24.27 -17.64 23.57
C GLU A 146 -24.09 -17.68 23.52
N SER A 147 -24.57 -17.89 22.29
CA SER A 147 -25.10 -19.19 21.89
C SER A 147 -24.10 -20.23 21.40
N ASN A 148 -22.82 -19.87 21.21
CA ASN A 148 -21.83 -20.85 20.75
C ASN A 148 -21.22 -21.57 21.95
N GLU A 149 -21.82 -22.71 22.31
CA GLU A 149 -21.42 -23.40 23.51
C GLU A 149 -19.95 -23.83 23.44
N THR A 150 -19.55 -24.41 22.31
CA THR A 150 -18.21 -25.00 22.24
C THR A 150 -17.13 -23.91 22.27
N LEU A 151 -17.39 -22.78 21.66
CA LEU A 151 -16.41 -21.72 21.66
C LEU A 151 -16.31 -21.08 23.03
N ASN A 152 -17.45 -20.84 23.68
CA ASN A 152 -17.45 -20.34 25.07
C ASN A 152 -16.69 -21.31 25.97
N GLN A 153 -16.95 -22.62 25.83
CA GLN A 153 -16.21 -23.63 26.63
C GLN A 153 -14.70 -23.51 26.40
N MSE A 154 -14.33 -23.25 25.14
CA MSE A 154 -12.93 -23.19 24.77
C MSE A 154 -12.25 -22.03 25.48
O MSE A 154 -11.20 -22.16 26.08
CB MSE A 154 -12.81 -23.07 23.26
CG MSE A 154 -11.39 -23.12 22.82
SE MSE A 154 -11.08 -22.68 20.95
CE MSE A 154 -11.06 -20.79 21.23
N TYR A 155 -12.86 -20.86 25.43
CA TYR A 155 -12.24 -19.73 26.09
C TYR A 155 -12.06 -19.95 27.60
N VAL A 156 -13.05 -20.55 28.23
CA VAL A 156 -12.91 -20.86 29.66
C VAL A 156 -11.76 -21.86 29.89
N ARG A 157 -11.72 -22.89 29.07
CA ARG A 157 -10.68 -23.92 29.15
C ARG A 157 -9.29 -23.30 28.98
N TYR A 158 -9.20 -22.29 28.13
CA TYR A 158 -7.94 -21.56 27.90
C TYR A 158 -7.60 -20.53 28.99
N GLY A 159 -8.40 -20.44 30.06
CA GLY A 159 -8.07 -19.63 31.21
C GLY A 159 -8.65 -18.22 31.23
N PHE A 160 -9.56 -17.90 30.32
CA PHE A 160 -10.21 -16.63 30.35
C PHE A 160 -11.30 -16.60 31.40
N GLN A 161 -11.42 -15.44 32.05
N GLN A 161 -11.51 -15.41 31.94
CA GLN A 161 -12.47 -15.18 33.04
CA GLN A 161 -12.48 -15.19 33.01
C GLN A 161 -13.67 -14.49 32.42
C GLN A 161 -13.68 -14.45 32.49
N PHE A 162 -14.83 -15.09 32.61
CA PHE A 162 -16.07 -14.48 32.30
C PHE A 162 -16.28 -13.16 33.05
N SER A 163 -16.56 -12.12 32.28
CA SER A 163 -16.59 -10.74 32.78
C SER A 163 -17.88 -9.99 32.51
N GLY A 164 -18.90 -10.63 31.97
CA GLY A 164 -20.21 -10.02 31.82
C GLY A 164 -20.79 -10.27 30.46
N LYS A 165 -21.87 -9.54 30.14
CA LYS A 165 -22.61 -9.80 28.90
C LYS A 165 -23.19 -8.50 28.37
N LYS A 166 -23.20 -8.36 27.05
CA LYS A 166 -23.81 -7.19 26.41
C LYS A 166 -24.06 -7.49 24.96
N ASN A 167 -25.25 -7.04 24.50
CA ASN A 167 -25.58 -7.10 23.07
C ASN A 167 -25.55 -8.50 22.49
N GLY A 168 -25.82 -9.50 23.33
CA GLY A 168 -25.83 -10.88 22.91
C GLY A 168 -24.50 -11.56 22.95
N PHE A 169 -23.47 -10.90 23.54
CA PHE A 169 -22.13 -11.44 23.67
C PHE A 169 -21.76 -11.68 25.13
N TYR A 170 -20.96 -12.71 25.39
CA TYR A 170 -20.27 -12.83 26.69
C TYR A 170 -18.87 -12.22 26.54
N LEU A 171 -18.41 -11.56 27.59
N LEU A 171 -18.44 -11.54 27.59
CA LEU A 171 -17.12 -10.90 27.62
CA LEU A 171 -17.13 -10.92 27.66
C LEU A 171 -16.17 -11.70 28.51
C LEU A 171 -16.20 -11.84 28.44
N TYR A 172 -14.93 -11.87 28.02
CA TYR A 172 -13.91 -12.67 28.71
C TYR A 172 -12.63 -11.87 28.76
N GLN A 173 -11.90 -12.01 29.87
CA GLN A 173 -10.56 -11.43 29.97
C GLN A 173 -9.64 -12.31 30.73
N LYS A 174 -8.38 -12.18 30.36
CA LYS A 174 -7.32 -12.88 31.04
C LYS A 174 -6.36 -11.82 31.57
N GLU A 175 -6.08 -11.84 32.86
CA GLU A 175 -5.12 -10.91 33.42
C GLU A 175 -3.73 -11.44 33.12
N LEU A 176 -2.82 -10.56 32.70
CA LEU A 176 -1.48 -10.95 32.33
C LEU A 176 -0.52 -10.57 33.42
N SER A 177 0.11 -11.57 34.00
CA SER A 177 1.05 -11.34 35.11
C SER A 177 2.37 -10.75 34.70
N GLN A 178 2.77 -9.71 35.45
CA GLN A 178 4.14 -9.18 35.36
C GLN A 178 5.12 -9.81 36.36
N LYS A 179 4.66 -10.77 37.17
CA LYS A 179 5.50 -11.44 38.20
C LYS A 179 6.77 -11.99 37.55
N GLN B 4 -32.83 19.21 -1.65
CA GLN B 4 -31.33 19.04 -1.56
C GLN B 4 -30.96 17.91 -0.57
N ASN B 5 -31.66 17.97 0.58
N ASN B 5 -31.56 17.92 0.62
CA ASN B 5 -31.45 17.11 1.74
CA ASN B 5 -31.36 16.80 1.56
C ASN B 5 -32.73 16.33 2.15
C ASN B 5 -32.70 16.32 2.12
N LYS B 6 -33.62 16.07 1.19
CA LYS B 6 -34.87 15.37 1.48
C LYS B 6 -34.99 14.32 0.39
N ILE B 7 -35.39 13.10 0.75
CA ILE B 7 -35.82 12.13 -0.24
C ILE B 7 -37.25 11.76 0.10
N THR B 8 -37.94 11.09 -0.82
CA THR B 8 -39.32 10.62 -0.59
C THR B 8 -39.36 9.13 -0.89
N ALA B 9 -40.02 8.37 -0.02
CA ALA B 9 -40.20 6.94 -0.22
C ALA B 9 -41.52 6.59 0.38
N GLY B 10 -42.34 5.85 -0.37
CA GLY B 10 -43.64 5.41 0.15
C GLY B 10 -44.55 6.58 0.52
N GLY B 11 -44.36 7.69 -0.20
CA GLY B 11 -45.06 8.93 0.11
C GLY B 11 -44.67 9.65 1.40
N LEU B 12 -43.59 9.20 2.03
CA LEU B 12 -43.06 9.83 3.25
C LEU B 12 -41.79 10.57 2.90
N GLU B 13 -41.55 11.68 3.60
CA GLU B 13 -40.35 12.49 3.38
C GLU B 13 -39.35 12.06 4.44
N PHE B 14 -38.11 11.93 4.01
CA PHE B 14 -37.02 11.64 4.89
C PHE B 14 -35.98 12.72 4.73
N LEU B 15 -35.42 13.14 5.84
CA LEU B 15 -34.36 14.13 5.84
C LEU B 15 -33.06 13.37 5.85
N VAL B 16 -32.14 13.81 4.99
CA VAL B 16 -30.83 13.24 4.88
C VAL B 16 -29.80 14.16 5.46
N ARG B 17 -28.91 13.57 6.26
CA ARG B 17 -27.76 14.31 6.80
C ARG B 17 -26.59 13.36 6.98
N PHE B 18 -25.38 13.89 6.84
CA PHE B 18 -24.19 13.14 7.17
C PHE B 18 -24.08 13.07 8.68
N ALA B 19 -23.76 11.89 9.19
CA ALA B 19 -23.67 11.65 10.62
C ALA B 19 -22.68 12.62 11.29
N ALA B 20 -22.93 12.80 12.58
CA ALA B 20 -22.10 13.51 13.51
C ALA B 20 -21.56 12.47 14.47
N PRO B 21 -20.43 12.78 15.13
CA PRO B 21 -19.83 11.82 16.06
C PRO B 21 -20.81 11.20 17.09
N THR B 22 -21.74 11.95 17.64
CA THR B 22 -22.68 11.43 18.60
C THR B 22 -23.77 10.54 17.99
N ASP B 23 -23.83 10.39 16.68
CA ASP B 23 -24.72 9.41 16.06
C ASP B 23 -24.17 7.96 16.13
N ARG B 24 -22.98 7.81 16.66
CA ARG B 24 -22.30 6.49 16.67
C ARG B 24 -23.23 5.42 17.26
N LEU B 25 -23.86 5.72 18.39
CA LEU B 25 -24.62 4.68 19.07
C LEU B 25 -25.82 4.21 18.23
N LYS B 26 -26.55 5.15 17.64
CA LYS B 26 -27.69 4.79 16.81
C LYS B 26 -27.28 4.01 15.57
N ILE B 27 -26.13 4.31 14.96
CA ILE B 27 -25.59 3.57 13.85
C ILE B 27 -25.22 2.14 14.28
N ASN B 28 -24.52 2.03 15.39
CA ASN B 28 -24.12 0.72 15.93
C ASN B 28 -25.37 -0.15 16.14
N ASP B 29 -26.35 0.43 16.76
CA ASP B 29 -27.59 -0.29 17.06
C ASP B 29 -28.31 -0.76 15.79
N LEU B 30 -28.31 0.08 14.76
CA LEU B 30 -28.88 -0.30 13.45
C LEU B 30 -28.07 -1.45 12.81
N MSE B 31 -26.74 -1.40 12.93
CA MSE B 31 -25.93 -2.50 12.42
C MSE B 31 -26.24 -3.81 13.13
O MSE B 31 -26.36 -4.85 12.45
CB MSE B 31 -24.47 -2.13 12.64
CG MSE B 31 -23.95 -1.03 11.67
SE MSE B 31 -22.15 -0.49 11.97
CE MSE B 31 -22.02 0.68 10.46
N ILE B 32 -26.34 -3.76 14.45
CA ILE B 32 -26.70 -4.98 15.23
C ILE B 32 -28.07 -5.48 14.73
N ASP B 33 -29.03 -4.58 14.64
CA ASP B 33 -30.37 -5.01 14.26
C ASP B 33 -30.38 -5.64 12.88
N THR B 34 -29.65 -5.04 11.95
CA THR B 34 -29.58 -5.56 10.59
C THR B 34 -28.93 -6.93 10.53
N ALA B 35 -27.78 -7.07 11.18
CA ALA B 35 -27.14 -8.35 11.22
C ALA B 35 -28.04 -9.46 11.76
N ARG B 36 -28.74 -9.17 12.84
N ARG B 36 -28.76 -9.14 12.84
CA ARG B 36 -29.63 -10.18 13.41
CA ARG B 36 -29.68 -10.09 13.48
C ARG B 36 -30.74 -10.53 12.40
C ARG B 36 -30.88 -10.47 12.56
N TRP B 37 -31.36 -9.51 11.81
CA TRP B 37 -32.46 -9.74 10.85
C TRP B 37 -31.97 -10.53 9.68
N LEU B 38 -30.76 -10.20 9.21
CA LEU B 38 -30.18 -10.96 8.09
C LEU B 38 -30.07 -12.42 8.49
N LYS B 39 -29.59 -12.71 9.69
CA LYS B 39 -29.48 -14.10 10.14
C LYS B 39 -30.87 -14.77 10.21
N GLU B 40 -31.80 -14.12 10.87
CA GLU B 40 -33.17 -14.65 11.03
C GLU B 40 -33.88 -14.92 9.70
N SER B 41 -33.68 -14.07 8.73
CA SER B 41 -34.32 -14.18 7.41
C SER B 41 -33.89 -15.42 6.64
N GLY B 42 -32.75 -16.01 6.99
CA GLY B 42 -32.22 -17.15 6.29
C GLY B 42 -31.50 -16.74 5.01
N SER B 43 -31.32 -15.45 4.77
CA SER B 43 -30.83 -15.00 3.47
C SER B 43 -29.32 -14.67 3.48
N THR B 44 -28.64 -14.92 4.60
CA THR B 44 -27.18 -14.70 4.67
C THR B 44 -26.45 -15.44 3.54
N GLN B 45 -25.44 -14.79 2.96
N GLN B 45 -25.47 -14.70 2.99
CA GLN B 45 -24.52 -15.50 2.13
CA GLN B 45 -24.54 -15.10 1.95
C GLN B 45 -23.10 -15.20 2.56
C GLN B 45 -23.09 -15.18 2.57
N TRP B 46 -22.16 -15.93 1.96
CA TRP B 46 -20.76 -15.89 2.43
C TRP B 46 -20.19 -14.47 2.38
N SER B 47 -20.64 -13.63 1.42
CA SER B 47 -20.25 -12.27 1.30
C SER B 47 -20.54 -11.46 2.56
N ASP B 48 -21.67 -11.77 3.22
CA ASP B 48 -22.00 -11.09 4.45
C ASP B 48 -21.03 -11.45 5.57
N ILE B 49 -20.64 -12.72 5.63
N ILE B 49 -20.64 -12.72 5.57
CA ILE B 49 -19.64 -13.15 6.63
CA ILE B 49 -19.66 -13.23 6.53
C ILE B 49 -18.25 -12.57 6.31
C ILE B 49 -18.29 -12.59 6.30
N LEU B 50 -17.93 -12.32 5.05
CA LEU B 50 -16.66 -11.65 4.73
C LEU B 50 -16.72 -10.18 5.16
N HIS B 51 -17.72 -9.48 4.68
CA HIS B 51 -17.74 -8.03 4.82
C HIS B 51 -18.14 -7.49 6.22
N GLY B 52 -19.14 -8.14 6.82
CA GLY B 52 -19.68 -7.72 8.09
C GLY B 52 -20.32 -6.35 7.95
N PHE B 53 -20.59 -5.75 9.11
CA PHE B 53 -21.10 -4.37 9.26
C PHE B 53 -20.02 -3.63 10.02
N ASP B 54 -19.74 -2.37 9.67
CA ASP B 54 -18.53 -1.76 10.12
C ASP B 54 -18.58 -1.19 11.56
N VAL B 55 -18.83 -2.07 12.55
CA VAL B 55 -18.95 -1.59 13.92
C VAL B 55 -17.63 -1.16 14.53
N HIS B 56 -16.50 -1.67 13.98
CA HIS B 56 -15.21 -1.39 14.58
C HIS B 56 -14.65 -0.05 14.22
N ASN B 57 -15.17 0.58 13.14
CA ASN B 57 -14.59 1.79 12.57
C ASN B 57 -15.60 2.88 12.39
N ILE B 58 -16.71 2.84 13.13
CA ILE B 58 -17.80 3.87 12.97
C ILE B 58 -17.28 5.28 13.09
N GLU B 59 -16.44 5.53 14.09
N GLU B 59 -16.43 5.54 14.07
CA GLU B 59 -15.95 6.86 14.38
CA GLU B 59 -15.99 6.91 14.34
C GLU B 59 -15.23 7.40 13.15
C GLU B 59 -15.20 7.44 13.16
N GLN B 60 -14.37 6.58 12.56
CA GLN B 60 -13.60 6.96 11.37
C GLN B 60 -14.53 7.22 10.16
N ARG B 61 -15.53 6.36 9.98
CA ARG B 61 -16.45 6.56 8.87
C ARG B 61 -17.13 7.92 9.06
N ILE B 62 -17.54 8.26 10.28
CA ILE B 62 -18.21 9.55 10.53
C ILE B 62 -17.22 10.74 10.28
N GLU B 63 -16.00 10.59 10.79
CA GLU B 63 -14.95 11.61 10.59
C GLU B 63 -14.68 11.90 9.10
N LEU B 64 -14.74 10.87 8.28
CA LEU B 64 -14.56 10.99 6.83
C LEU B 64 -15.81 11.34 6.04
N GLY B 65 -16.95 11.50 6.69
CA GLY B 65 -18.18 11.82 5.99
C GLY B 65 -18.73 10.69 5.14
N GLU B 66 -18.54 9.48 5.61
CA GLU B 66 -18.87 8.29 4.83
C GLU B 66 -20.18 7.60 5.33
N VAL B 67 -20.90 8.22 6.27
CA VAL B 67 -22.19 7.69 6.70
C VAL B 67 -23.30 8.70 6.51
N ALA B 68 -24.26 8.38 5.64
CA ALA B 68 -25.44 9.19 5.40
C ALA B 68 -26.64 8.61 6.16
N LEU B 69 -27.30 9.46 6.94
CA LEU B 69 -28.44 9.06 7.76
C LEU B 69 -29.71 9.58 7.11
N PHE B 70 -30.78 8.78 7.24
CA PHE B 70 -32.11 9.04 6.66
C PHE B 70 -33.10 8.94 7.78
N GLU B 71 -33.69 10.08 8.11
CA GLU B 71 -34.48 10.22 9.32
C GLU B 71 -35.89 10.76 8.99
N THR B 72 -36.88 10.31 9.76
CA THR B 72 -38.23 10.81 9.60
C THR B 72 -38.32 12.21 10.21
N GLU B 73 -39.40 12.90 9.86
CA GLU B 73 -39.59 14.26 10.35
C GLU B 73 -39.60 14.22 11.87
N ALA B 74 -40.12 13.15 12.47
CA ALA B 74 -40.09 12.93 13.92
C ALA B 74 -38.73 12.50 14.52
N GLY B 75 -37.76 12.18 13.67
CA GLY B 75 -36.40 11.93 14.11
C GLY B 75 -36.01 10.48 14.23
N ALA B 76 -36.89 9.55 13.83
CA ALA B 76 -36.54 8.15 13.80
C ALA B 76 -35.50 7.89 12.70
N LEU B 77 -34.59 6.98 12.98
CA LEU B 77 -33.52 6.62 12.04
C LEU B 77 -34.12 5.51 11.15
N ALA B 78 -34.45 5.87 9.91
CA ALA B 78 -35.05 4.94 8.96
C ALA B 78 -34.02 4.14 8.20
N GLY B 79 -32.85 4.72 7.99
CA GLY B 79 -31.82 4.09 7.22
C GLY B 79 -30.48 4.77 7.39
N ALA B 80 -29.44 4.03 7.09
CA ALA B 80 -28.09 4.58 7.09
C ALA B 80 -27.34 3.91 5.96
N MSE B 81 -26.47 4.63 5.28
N MSE B 81 -26.53 4.69 5.24
CA MSE B 81 -25.66 4.05 4.21
CA MSE B 81 -25.78 4.26 4.05
C MSE B 81 -24.23 4.36 4.50
C MSE B 81 -24.30 4.57 4.19
O MSE B 81 -23.90 5.48 4.91
O MSE B 81 -23.93 5.72 4.49
CB MSE B 81 -26.09 4.65 2.90
CB MSE B 81 -26.32 5.02 2.85
CG MSE B 81 -25.48 4.02 1.65
CG MSE B 81 -25.45 4.93 1.65
SE MSE B 81 -26.28 4.85 0.02
SE MSE B 81 -26.43 5.39 0.03
CE MSE B 81 -27.06 6.42 0.98
CE MSE B 81 -26.24 7.25 0.08
N ILE B 82 -23.39 3.36 4.33
N ILE B 82 -23.45 3.57 3.95
CA ILE B 82 -21.97 3.56 4.38
CA ILE B 82 -21.98 3.74 3.90
C ILE B 82 -21.49 3.67 2.95
C ILE B 82 -21.51 4.08 2.48
N ILE B 83 -20.84 4.79 2.66
N ILE B 83 -21.07 5.32 2.26
CA ILE B 83 -20.58 5.29 1.29
CA ILE B 83 -20.57 5.79 0.97
C ILE B 83 -19.15 5.87 1.25
C ILE B 83 -19.06 5.98 1.20
N ARG B 84 -18.22 4.99 0.84
CA ARG B 84 -16.75 5.21 0.93
C ARG B 84 -16.38 6.17 -0.14
N LYS B 85 -15.65 7.19 0.22
CA LYS B 85 -15.30 8.22 -0.68
C LYS B 85 -13.97 7.94 -1.36
N THR B 86 -13.25 6.93 -0.87
CA THR B 86 -12.08 6.40 -1.56
C THR B 86 -12.13 4.89 -1.33
N PRO B 87 -11.56 4.11 -2.25
CA PRO B 87 -11.69 2.67 -2.16
C PRO B 87 -10.94 2.15 -0.92
N SER B 88 -11.56 1.16 -0.28
CA SER B 88 -10.92 0.45 0.83
C SER B 88 -9.76 -0.42 0.27
N ASP B 89 -9.00 -1.05 1.15
CA ASP B 89 -7.92 -1.93 0.73
C ASP B 89 -8.48 -3.05 -0.18
N TRP B 90 -9.65 -3.56 0.20
CA TRP B 90 -10.34 -4.59 -0.57
C TRP B 90 -10.83 -4.06 -1.89
N ASP B 91 -11.48 -2.92 -1.88
CA ASP B 91 -12.02 -2.29 -3.10
C ASP B 91 -10.87 -2.09 -4.11
N THR B 92 -9.73 -1.60 -3.63
CA THR B 92 -8.60 -1.34 -4.47
C THR B 92 -8.09 -2.61 -5.17
N ASP B 93 -8.03 -3.69 -4.47
CA ASP B 93 -7.64 -4.99 -4.97
C ASP B 93 -8.69 -5.56 -5.92
N LEU B 94 -9.96 -5.48 -5.55
CA LEU B 94 -11.01 -6.10 -6.28
C LEU B 94 -11.21 -5.43 -7.65
N TRP B 95 -11.09 -4.10 -7.70
CA TRP B 95 -11.39 -3.32 -8.90
C TRP B 95 -10.21 -3.21 -9.88
N GLU B 96 -9.04 -3.64 -9.39
CA GLU B 96 -7.80 -3.73 -10.18
C GLU B 96 -7.57 -2.45 -11.00
N ASP B 97 -7.57 -2.55 -12.33
CA ASP B 97 -7.25 -1.45 -13.24
C ASP B 97 -8.16 -0.23 -12.91
N LEU B 98 -9.42 -0.48 -12.57
CA LEU B 98 -10.42 0.57 -12.46
C LEU B 98 -10.33 1.34 -11.12
N ALA B 99 -9.48 0.88 -10.20
CA ALA B 99 -9.39 1.46 -8.88
C ALA B 99 -8.86 2.87 -8.86
N ILE B 100 -8.24 3.29 -9.95
CA ILE B 100 -7.81 4.67 -10.08
C ILE B 100 -8.90 5.70 -10.41
N ASP B 101 -10.10 5.25 -10.81
CA ASP B 101 -11.18 6.19 -11.14
C ASP B 101 -11.76 6.81 -9.86
N LYS B 102 -12.16 8.08 -9.94
CA LYS B 102 -12.87 8.73 -8.84
C LYS B 102 -14.27 8.09 -8.75
N ALA B 103 -14.57 7.54 -7.58
CA ALA B 103 -15.78 6.76 -7.41
C ALA B 103 -16.19 6.77 -5.96
N TYR B 104 -17.49 6.68 -5.69
CA TYR B 104 -18.01 6.27 -4.38
C TYR B 104 -18.23 4.76 -4.43
N TYR B 105 -17.90 4.10 -3.34
CA TYR B 105 -18.07 2.69 -3.12
C TYR B 105 -19.14 2.50 -2.04
N LEU B 106 -20.28 1.98 -2.48
CA LEU B 106 -21.40 1.73 -1.59
C LEU B 106 -21.15 0.41 -0.91
N HIS B 107 -20.96 0.43 0.41
N HIS B 107 -20.79 0.49 0.36
CA HIS B 107 -20.70 -0.80 1.19
CA HIS B 107 -20.71 -0.71 1.15
C HIS B 107 -21.90 -1.48 1.89
C HIS B 107 -22.18 -0.91 1.58
N ARG B 108 -22.54 -0.80 2.83
CA ARG B 108 -23.91 -1.17 3.27
C ARG B 108 -24.98 -0.10 3.01
N ILE B 109 -26.18 -0.55 2.66
CA ILE B 109 -27.37 0.25 2.58
C ILE B 109 -28.30 -0.42 3.62
N MSE B 110 -28.49 0.22 4.77
N MSE B 110 -28.40 0.19 4.79
CA MSE B 110 -29.16 -0.39 5.89
CA MSE B 110 -29.20 -0.37 5.88
C MSE B 110 -30.47 0.32 6.15
C MSE B 110 -30.51 0.35 5.93
O MSE B 110 -30.47 1.51 6.48
O MSE B 110 -30.56 1.58 5.83
CB MSE B 110 -28.29 -0.29 7.13
CB MSE B 110 -28.51 -0.19 7.22
CG MSE B 110 -26.82 -0.65 6.83
CG MSE B 110 -27.25 -1.04 7.31
SE MSE B 110 -25.52 -0.61 8.29
SE MSE B 110 -26.33 -0.77 8.93
CE MSE B 110 -26.01 1.07 9.21
CE MSE B 110 -25.19 0.83 8.42
N VAL B 111 -31.55 -0.45 6.07
CA VAL B 111 -32.90 0.04 6.29
C VAL B 111 -33.44 -0.62 7.56
N SER B 112 -33.89 0.18 8.51
N SER B 112 -33.93 0.21 8.47
CA SER B 112 -34.50 -0.39 9.69
CA SER B 112 -34.54 -0.26 9.71
C SER B 112 -35.71 -1.18 9.23
C SER B 112 -35.83 -1.03 9.40
N ARG B 113 -36.02 -2.20 9.99
CA ARG B 113 -37.11 -3.08 9.62
C ARG B 113 -38.41 -2.30 9.64
N ALA B 114 -38.61 -1.42 10.62
CA ALA B 114 -39.84 -0.60 10.66
C ALA B 114 -40.08 0.22 9.38
N PHE B 115 -39.01 0.50 8.64
CA PHE B 115 -39.14 1.28 7.38
C PHE B 115 -38.85 0.50 6.14
N SER B 116 -38.90 -0.83 6.25
N SER B 116 -38.93 -0.83 6.25
CA SER B 116 -38.76 -1.70 5.09
CA SER B 116 -38.76 -1.68 5.09
C SER B 116 -40.06 -1.80 4.31
C SER B 116 -40.07 -1.82 4.32
N GLY B 117 -39.96 -2.26 3.07
CA GLY B 117 -41.11 -2.50 2.22
C GLY B 117 -41.68 -1.26 1.57
N ILE B 118 -40.97 -0.14 1.60
CA ILE B 118 -41.35 1.09 0.94
C ILE B 118 -40.28 1.61 -0.04
N SER B 119 -39.39 0.72 -0.48
CA SER B 119 -38.30 1.03 -1.42
C SER B 119 -37.43 2.21 -0.99
N LEU B 120 -37.22 2.32 0.32
CA LEU B 120 -36.31 3.34 0.83
C LEU B 120 -34.89 3.11 0.31
N SER B 121 -34.46 1.85 0.17
CA SER B 121 -33.11 1.61 -0.26
C SER B 121 -32.83 2.15 -1.67
N LYS B 122 -33.81 2.06 -2.58
CA LYS B 122 -33.63 2.63 -3.91
C LYS B 122 -33.39 4.14 -3.84
N GLN B 123 -34.14 4.80 -2.97
CA GLN B 123 -33.98 6.24 -2.79
C GLN B 123 -32.66 6.63 -2.15
N MSE B 124 -32.13 5.76 -1.32
CA MSE B 124 -30.83 5.97 -0.71
C MSE B 124 -29.75 5.90 -1.78
O MSE B 124 -28.87 6.75 -1.80
CB MSE B 124 -30.60 4.96 0.42
CG MSE B 124 -31.60 5.21 1.57
SE MSE B 124 -31.68 3.86 2.92
CE MSE B 124 -29.96 3.93 3.46
N ILE B 125 -29.83 4.91 -2.67
CA ILE B 125 -28.90 4.83 -3.81
C ILE B 125 -29.00 6.08 -4.70
N TYR B 126 -30.21 6.53 -4.94
CA TYR B 126 -30.43 7.76 -5.73
C TYR B 126 -29.81 8.98 -5.06
N PHE B 127 -29.89 9.08 -3.73
CA PHE B 127 -29.20 10.14 -3.01
C PHE B 127 -27.70 10.11 -3.31
N ALA B 128 -27.09 8.92 -3.23
CA ALA B 128 -25.68 8.76 -3.58
C ALA B 128 -25.37 9.22 -5.00
N GLU B 129 -26.27 8.94 -5.95
CA GLU B 129 -26.11 9.42 -7.34
C GLU B 129 -26.12 10.93 -7.39
N LYS B 130 -27.08 11.53 -6.71
CA LYS B 130 -27.22 12.98 -6.71
C LYS B 130 -26.00 13.64 -6.08
N LEU B 131 -25.54 13.05 -4.99
CA LEU B 131 -24.34 13.47 -4.26
C LEU B 131 -23.11 13.43 -5.20
N GLY B 132 -22.91 12.29 -5.88
CA GLY B 132 -21.82 12.13 -6.85
C GLY B 132 -21.80 13.20 -7.92
N ILE B 133 -22.96 13.46 -8.48
CA ILE B 133 -23.12 14.51 -9.47
C ILE B 133 -22.74 15.87 -8.84
N GLU B 134 -23.20 16.14 -7.62
CA GLU B 134 -22.85 17.42 -6.95
C GLU B 134 -21.34 17.55 -6.75
N MSE B 135 -20.69 16.43 -6.45
CA MSE B 135 -19.26 16.43 -6.10
C MSE B 135 -18.34 16.10 -7.27
O MSE B 135 -17.14 15.97 -7.09
CB MSE B 135 -19.03 15.46 -4.94
CG MSE B 135 -19.86 15.77 -3.70
SE MSE B 135 -19.56 17.62 -3.03
CE MSE B 135 -17.77 17.32 -2.45
N SER B 136 -18.90 15.98 -8.46
CA SER B 136 -18.14 15.68 -9.67
C SER B 136 -17.43 14.34 -9.57
N VAL B 137 -18.15 13.36 -9.03
CA VAL B 137 -17.68 11.99 -8.90
C VAL B 137 -18.37 11.19 -10.02
N PRO B 138 -17.60 10.63 -10.95
CA PRO B 138 -18.19 10.02 -12.15
C PRO B 138 -18.87 8.67 -11.99
N PHE B 139 -18.55 7.94 -10.91
CA PHE B 139 -19.07 6.58 -10.73
C PHE B 139 -19.53 6.33 -9.30
N ILE B 140 -20.63 5.60 -9.20
CA ILE B 140 -21.02 4.91 -8.00
C ILE B 140 -20.78 3.43 -8.24
N ARG B 141 -20.15 2.77 -7.29
CA ARG B 141 -19.75 1.39 -7.44
C ARG B 141 -20.16 0.55 -6.30
N LEU B 142 -20.35 -0.73 -6.57
CA LEU B 142 -20.61 -1.70 -5.58
C LEU B 142 -20.25 -3.06 -6.11
N ASP B 143 -20.16 -4.04 -5.21
CA ASP B 143 -19.91 -5.44 -5.57
C ASP B 143 -21.04 -6.32 -5.03
N CYS B 144 -21.20 -7.46 -5.66
CA CYS B 144 -22.30 -8.34 -5.42
C CYS B 144 -21.82 -9.75 -5.56
N ILE B 145 -22.21 -10.63 -4.64
N ILE B 145 -22.26 -10.63 -4.66
CA ILE B 145 -21.93 -12.05 -4.76
CA ILE B 145 -21.93 -12.03 -4.80
C ILE B 145 -22.47 -12.53 -6.13
C ILE B 145 -22.48 -12.52 -6.15
N GLU B 146 -21.66 -13.28 -6.84
CA GLU B 146 -21.96 -13.65 -8.23
C GLU B 146 -23.16 -14.59 -8.37
N SER B 147 -23.44 -15.34 -7.31
CA SER B 147 -24.43 -16.43 -7.33
C SER B 147 -25.83 -15.99 -6.97
N ASN B 148 -25.98 -14.81 -6.40
CA ASN B 148 -27.29 -14.27 -6.09
C ASN B 148 -27.97 -13.65 -7.33
N GLU B 149 -28.70 -14.50 -8.08
CA GLU B 149 -29.28 -14.11 -9.38
C GLU B 149 -30.21 -12.90 -9.30
N THR B 150 -30.97 -12.80 -8.20
CA THR B 150 -31.99 -11.77 -8.11
C THR B 150 -31.38 -10.46 -7.66
N LEU B 151 -30.43 -10.52 -6.74
CA LEU B 151 -29.71 -9.31 -6.31
C LEU B 151 -28.96 -8.68 -7.50
N ASN B 152 -28.27 -9.53 -8.24
CA ASN B 152 -27.61 -9.15 -9.49
C ASN B 152 -28.60 -8.52 -10.49
N GLN B 153 -29.75 -9.16 -10.66
CA GLN B 153 -30.81 -8.65 -11.53
C GLN B 153 -31.28 -7.27 -11.07
N MSE B 154 -31.46 -7.12 -9.77
CA MSE B 154 -31.87 -5.82 -9.22
C MSE B 154 -30.92 -4.67 -9.53
O MSE B 154 -31.35 -3.57 -9.91
CB MSE B 154 -31.98 -5.89 -7.71
CG MSE B 154 -32.45 -4.57 -7.15
SE MSE B 154 -32.22 -4.51 -5.26
CE MSE B 154 -30.43 -3.65 -5.24
N TYR B 155 -29.61 -4.90 -9.31
CA TYR B 155 -28.65 -3.84 -9.55
C TYR B 155 -28.70 -3.42 -11.01
N VAL B 156 -28.82 -4.39 -11.91
CA VAL B 156 -28.96 -4.09 -13.34
C VAL B 156 -30.26 -3.34 -13.61
N ARG B 157 -31.34 -3.77 -12.95
CA ARG B 157 -32.61 -3.04 -13.03
C ARG B 157 -32.45 -1.59 -12.61
N TYR B 158 -31.66 -1.37 -11.55
CA TYR B 158 -31.44 -0.03 -10.97
C TYR B 158 -30.48 0.82 -11.80
N GLY B 159 -29.95 0.29 -12.90
CA GLY B 159 -29.12 1.06 -13.81
C GLY B 159 -27.61 0.86 -13.64
N PHE B 160 -27.20 -0.05 -12.77
CA PHE B 160 -25.77 -0.41 -12.66
C PHE B 160 -25.37 -1.32 -13.82
N GLN B 161 -24.13 -1.16 -14.28
CA GLN B 161 -23.55 -1.96 -15.36
C GLN B 161 -22.53 -2.97 -14.83
N PHE B 162 -22.64 -4.24 -15.26
CA PHE B 162 -21.64 -5.25 -14.94
C PHE B 162 -20.29 -4.81 -15.46
N SER B 163 -19.28 -4.87 -14.60
CA SER B 163 -17.99 -4.26 -14.86
C SER B 163 -16.79 -5.19 -14.64
N GLY B 164 -17.06 -6.45 -14.33
CA GLY B 164 -16.00 -7.41 -14.08
C GLY B 164 -16.37 -8.41 -13.01
N LYS B 165 -15.48 -9.37 -12.80
CA LYS B 165 -15.67 -10.35 -11.75
C LYS B 165 -14.32 -10.72 -11.14
N LYS B 166 -14.33 -10.91 -9.83
CA LYS B 166 -13.13 -11.28 -9.08
C LYS B 166 -13.56 -11.80 -7.72
N ASN B 167 -12.86 -12.83 -7.25
CA ASN B 167 -13.00 -13.36 -5.91
C ASN B 167 -14.42 -13.78 -5.54
N GLY B 168 -15.21 -14.19 -6.53
CA GLY B 168 -16.57 -14.67 -6.34
C GLY B 168 -17.61 -13.57 -6.36
N PHE B 169 -17.16 -12.35 -6.70
CA PHE B 169 -18.03 -11.18 -6.82
C PHE B 169 -18.16 -10.70 -8.24
N TYR B 170 -19.30 -10.10 -8.51
CA TYR B 170 -19.52 -9.32 -9.71
C TYR B 170 -19.40 -7.85 -9.31
N LEU B 171 -18.77 -7.08 -10.19
N LEU B 171 -18.75 -7.09 -10.19
CA LEU B 171 -18.58 -5.66 -9.94
CA LEU B 171 -18.56 -5.66 -10.00
C LEU B 171 -19.57 -4.85 -10.78
C LEU B 171 -19.63 -4.89 -10.76
N TYR B 172 -20.19 -3.86 -10.13
CA TYR B 172 -21.19 -3.02 -10.76
C TYR B 172 -20.85 -1.55 -10.63
N GLN B 173 -21.05 -0.80 -11.70
CA GLN B 173 -20.94 0.64 -11.62
C GLN B 173 -22.02 1.34 -12.35
N LYS B 174 -22.33 2.54 -11.88
CA LYS B 174 -23.21 3.47 -12.59
C LYS B 174 -22.46 4.73 -12.91
N GLU B 175 -22.45 5.12 -14.18
CA GLU B 175 -21.73 6.32 -14.59
C GLU B 175 -22.69 7.51 -14.43
N LEU B 176 -22.22 8.56 -13.77
CA LEU B 176 -23.06 9.69 -13.38
C LEU B 176 -22.93 10.86 -14.38
N SER B 177 -24.03 11.60 -14.54
CA SER B 177 -24.19 12.66 -15.57
C SER B 177 -22.89 13.40 -15.94
N ASN C 5 29.93 14.82 16.45
CA ASN C 5 29.58 13.86 15.35
C ASN C 5 30.78 13.84 14.37
N LYS C 6 31.66 12.86 14.50
CA LYS C 6 32.93 12.89 13.79
C LYS C 6 33.31 11.48 13.36
N ILE C 7 34.02 11.38 12.26
CA ILE C 7 34.68 10.13 11.90
C ILE C 7 36.07 10.47 11.41
N THR C 8 36.91 9.46 11.32
CA THR C 8 38.24 9.61 10.77
C THR C 8 38.54 8.57 9.71
N ALA C 9 39.15 9.00 8.62
CA ALA C 9 39.59 8.10 7.57
C ALA C 9 40.85 8.70 6.96
N GLY C 10 41.85 7.86 6.74
CA GLY C 10 43.12 8.30 6.17
C GLY C 10 43.87 9.36 6.97
N GLY C 11 43.61 9.39 8.28
CA GLY C 11 44.17 10.38 9.19
C GLY C 11 43.41 11.70 9.27
N LEU C 12 42.38 11.84 8.45
CA LEU C 12 41.66 13.10 8.32
C LEU C 12 40.36 12.91 9.06
N GLU C 13 40.06 13.85 9.94
CA GLU C 13 38.78 13.91 10.62
C GLU C 13 37.71 14.52 9.71
N PHE C 14 36.50 13.97 9.79
CA PHE C 14 35.35 14.50 9.09
C PHE C 14 34.23 14.79 10.08
N LEU C 15 33.56 15.91 9.88
CA LEU C 15 32.42 16.28 10.72
C LEU C 15 31.16 15.79 10.03
N VAL C 16 30.25 15.20 10.80
CA VAL C 16 29.04 14.63 10.25
C VAL C 16 27.82 15.45 10.68
N ARG C 17 26.97 15.75 9.73
CA ARG C 17 25.70 16.44 10.01
C ARG C 17 24.67 15.98 9.03
N PHE C 18 23.39 16.05 9.40
CA PHE C 18 22.34 15.84 8.44
C PHE C 18 22.16 17.09 7.61
N ALA C 19 21.86 16.85 6.33
CA ALA C 19 21.70 17.95 5.37
C ALA C 19 20.56 18.86 5.79
N ALA C 20 20.75 20.14 5.48
CA ALA C 20 19.73 21.18 5.57
C ALA C 20 19.29 21.49 4.15
N PRO C 21 18.13 22.14 4.01
CA PRO C 21 17.64 22.45 2.66
C PRO C 21 18.60 23.21 1.78
N THR C 22 19.44 24.06 2.36
CA THR C 22 20.46 24.82 1.60
C THR C 22 21.64 24.00 1.06
N ASP C 23 21.75 22.74 1.47
CA ASP C 23 22.73 21.84 0.89
C ASP C 23 22.35 21.17 -0.42
N ARG C 24 21.13 21.43 -0.89
CA ARG C 24 20.59 20.72 -2.05
C ARG C 24 21.47 20.86 -3.29
N LEU C 25 21.93 22.05 -3.56
CA LEU C 25 22.67 22.30 -4.79
C LEU C 25 23.97 21.50 -4.81
N LYS C 26 24.68 21.51 -3.69
CA LYS C 26 25.95 20.84 -3.58
C LYS C 26 25.81 19.32 -3.54
N ILE C 27 24.71 18.82 -2.98
CA ILE C 27 24.45 17.39 -3.00
C ILE C 27 24.14 16.93 -4.45
N ASN C 28 23.29 17.70 -5.14
CA ASN C 28 22.98 17.41 -6.54
C ASN C 28 24.26 17.32 -7.39
N ASP C 29 25.19 18.26 -7.14
N ASP C 29 25.17 18.25 -7.10
CA ASP C 29 26.49 18.22 -7.82
CA ASP C 29 26.46 18.29 -7.75
C ASP C 29 27.24 16.92 -7.55
C ASP C 29 27.26 16.99 -7.54
N LEU C 30 27.28 16.49 -6.31
CA LEU C 30 27.97 15.26 -5.96
C LEU C 30 27.31 14.06 -6.63
N MSE C 31 25.96 14.08 -6.72
CA MSE C 31 25.29 12.98 -7.37
C MSE C 31 25.65 12.88 -8.84
O MSE C 31 25.97 11.83 -9.34
CB MSE C 31 23.81 13.16 -7.22
CG MSE C 31 23.30 12.94 -5.75
SE MSE C 31 21.39 13.18 -5.59
CE MSE C 31 21.06 12.42 -3.82
N ILE C 32 25.62 14.02 -9.51
CA ILE C 32 26.04 14.10 -10.90
C ILE C 32 27.47 13.60 -11.06
N ASP C 33 28.37 14.09 -10.20
CA ASP C 33 29.76 13.69 -10.35
C ASP C 33 29.99 12.20 -10.09
N THR C 34 29.26 11.63 -9.14
CA THR C 34 29.46 10.25 -8.79
C THR C 34 28.91 9.37 -9.91
N ALA C 35 27.77 9.76 -10.49
CA ALA C 35 27.20 9.01 -11.64
C ALA C 35 28.17 9.01 -12.84
N ARG C 36 28.77 10.17 -13.10
CA ARG C 36 29.76 10.29 -14.21
C ARG C 36 30.96 9.39 -13.94
N TRP C 37 31.44 9.41 -12.71
CA TRP C 37 32.61 8.60 -12.35
C TRP C 37 32.35 7.10 -12.44
N LEU C 38 31.15 6.70 -12.06
N LEU C 38 31.17 6.65 -12.03
CA LEU C 38 30.79 5.31 -12.10
CA LEU C 38 30.82 5.22 -12.18
C LEU C 38 30.81 4.81 -13.55
C LEU C 38 30.91 4.83 -13.62
N LYS C 39 30.29 5.63 -14.47
CA LYS C 39 30.33 5.33 -15.90
C LYS C 39 31.76 5.27 -16.40
N GLU C 40 32.52 6.32 -16.12
CA GLU C 40 33.92 6.44 -16.57
C GLU C 40 34.85 5.32 -16.05
N SER C 41 34.60 4.87 -14.85
CA SER C 41 35.41 3.87 -14.19
C SER C 41 35.20 2.47 -14.77
N GLY C 42 34.11 2.28 -15.52
CA GLY C 42 33.71 0.97 -15.99
C GLY C 42 33.16 0.05 -14.91
N SER C 43 32.78 0.57 -13.75
CA SER C 43 32.37 -0.33 -12.65
C SER C 43 30.84 -0.43 -12.48
N THR C 44 30.10 0.13 -13.43
CA THR C 44 28.62 0.09 -13.40
C THR C 44 28.08 -1.33 -13.42
N GLN C 45 27.12 -1.58 -12.54
CA GLN C 45 26.33 -2.78 -12.53
C GLN C 45 24.87 -2.44 -12.90
N TRP C 46 24.10 -3.44 -13.29
CA TRP C 46 22.70 -3.18 -13.68
C TRP C 46 21.90 -2.56 -12.53
N SER C 47 22.27 -2.85 -11.27
CA SER C 47 21.66 -2.26 -10.11
C SER C 47 21.84 -0.74 -10.06
N ASP C 48 22.98 -0.24 -10.57
CA ASP C 48 23.17 1.20 -10.59
C ASP C 48 22.21 1.88 -11.57
N ILE C 49 21.96 1.20 -12.66
CA ILE C 49 21.01 1.66 -13.68
C ILE C 49 19.58 1.60 -13.14
N LEU C 50 19.28 0.61 -12.30
CA LEU C 50 17.96 0.56 -11.67
C LEU C 50 17.78 1.65 -10.64
N HIS C 51 18.72 1.75 -9.73
CA HIS C 51 18.55 2.60 -8.57
C HIS C 51 18.79 4.07 -8.85
N GLY C 52 19.79 4.38 -9.66
CA GLY C 52 20.12 5.77 -9.95
C GLY C 52 20.65 6.47 -8.71
N PHE C 53 20.68 7.80 -8.79
CA PHE C 53 21.02 8.69 -7.68
C PHE C 53 19.81 9.62 -7.52
N ASP C 54 19.43 9.88 -6.28
CA ASP C 54 18.10 10.46 -6.01
C ASP C 54 18.00 11.98 -6.24
N VAL C 55 18.27 12.40 -7.45
CA VAL C 55 18.11 13.82 -7.82
C VAL C 55 16.69 14.31 -7.89
N HIS C 56 15.73 13.44 -8.11
CA HIS C 56 14.39 13.87 -8.28
C HIS C 56 13.65 14.14 -6.97
N ASN C 57 14.14 13.60 -5.86
CA ASN C 57 13.48 13.73 -4.55
C ASN C 57 14.45 14.19 -3.48
N ILE C 58 15.50 14.89 -3.89
CA ILE C 58 16.49 15.36 -2.95
C ILE C 58 15.85 16.23 -1.84
N GLU C 59 14.87 17.07 -2.18
CA GLU C 59 14.27 17.91 -1.13
C GLU C 59 13.60 17.10 -0.03
N GLN C 60 12.88 16.06 -0.43
N GLN C 60 12.87 16.07 -0.42
CA GLN C 60 12.23 15.13 0.51
CA GLN C 60 12.26 15.17 0.54
C GLN C 60 13.22 14.30 1.33
C GLN C 60 13.30 14.43 1.36
N ARG C 61 14.34 13.94 0.70
CA ARG C 61 15.39 13.21 1.42
C ARG C 61 15.93 14.11 2.53
N ILE C 62 16.15 15.37 2.22
CA ILE C 62 16.64 16.33 3.22
C ILE C 62 15.62 16.58 4.29
N GLU C 63 14.38 16.81 3.90
CA GLU C 63 13.32 17.06 4.88
C GLU C 63 13.15 15.94 5.88
N LEU C 64 13.27 14.70 5.44
CA LEU C 64 13.13 13.52 6.28
C LEU C 64 14.36 13.19 7.12
N GLY C 65 15.46 13.91 6.94
CA GLY C 65 16.71 13.64 7.65
C GLY C 65 17.39 12.38 7.16
N GLU C 66 17.35 12.15 5.85
CA GLU C 66 17.81 10.91 5.23
C GLU C 66 19.11 11.15 4.43
N VAL C 67 19.73 12.32 4.57
CA VAL C 67 21.01 12.59 3.92
C VAL C 67 22.04 13.03 4.98
N ALA C 68 23.04 12.19 5.19
CA ALA C 68 24.15 12.47 6.09
C ALA C 68 25.32 12.96 5.26
N LEU C 69 25.85 14.11 5.65
CA LEU C 69 27.01 14.75 5.02
C LEU C 69 28.27 14.60 5.87
N PHE C 70 29.40 14.38 5.19
CA PHE C 70 30.68 14.19 5.78
C PHE C 70 31.59 15.28 5.21
N GLU C 71 32.03 16.19 6.08
CA GLU C 71 32.73 17.40 5.66
C GLU C 71 34.03 17.56 6.41
N THR C 72 35.01 18.17 5.76
CA THR C 72 36.21 18.56 6.44
C THR C 72 36.00 19.89 7.21
N GLU C 73 36.91 20.19 8.10
CA GLU C 73 36.91 21.49 8.80
C GLU C 73 36.82 22.67 7.84
N ALA C 74 37.53 22.62 6.71
CA ALA C 74 37.55 23.69 5.72
C ALA C 74 36.30 23.75 4.87
N GLY C 75 35.39 22.78 5.03
CA GLY C 75 34.10 22.80 4.39
C GLY C 75 33.97 21.97 3.15
N ALA C 76 34.98 21.15 2.81
CA ALA C 76 34.82 20.28 1.62
C ALA C 76 33.77 19.21 1.89
N LEU C 77 32.92 18.93 0.92
CA LEU C 77 31.96 17.84 1.09
C LEU C 77 32.66 16.57 0.64
N ALA C 78 33.15 15.79 1.59
CA ALA C 78 33.89 14.56 1.27
C ALA C 78 33.01 13.38 0.90
N GLY C 79 31.82 13.32 1.48
CA GLY C 79 30.91 12.21 1.20
C GLY C 79 29.50 12.57 1.63
N ALA C 80 28.55 11.89 1.03
CA ALA C 80 27.16 11.98 1.42
C ALA C 80 26.56 10.59 1.37
N MSE C 81 25.64 10.31 2.28
N MSE C 81 25.69 10.30 2.33
CA MSE C 81 25.05 9.00 2.33
CA MSE C 81 25.02 9.00 2.49
C MSE C 81 23.56 9.10 2.52
C MSE C 81 23.52 9.21 2.42
O MSE C 81 23.08 9.80 3.43
O MSE C 81 23.00 10.13 3.05
CB MSE C 81 25.69 8.21 3.47
CB MSE C 81 25.41 8.34 3.83
CG MSE C 81 25.27 6.77 3.52
CG MSE C 81 24.74 7.00 4.18
SE MSE C 81 26.08 5.80 4.98
SE MSE C 81 25.75 5.93 5.47
CE MSE C 81 25.69 7.00 6.53
CE MSE C 81 26.87 7.35 5.73
N ILE C 82 22.82 8.38 1.66
CA ILE C 82 21.39 8.30 1.76
C ILE C 82 21.04 7.18 2.75
N ILE C 83 20.39 7.54 3.83
N ILE C 83 20.52 7.58 3.91
CA ILE C 83 20.13 6.63 4.91
CA ILE C 83 20.13 6.71 5.04
C ILE C 83 18.64 6.73 5.20
C ILE C 83 18.62 6.80 5.15
N ARG C 84 17.90 5.87 4.52
CA ARG C 84 16.44 5.86 4.63
C ARG C 84 16.05 5.38 6.01
N LYS C 85 15.14 6.08 6.63
CA LYS C 85 14.68 5.75 7.96
C LYS C 85 13.43 4.91 7.97
N THR C 86 12.85 4.74 6.80
CA THR C 86 11.76 3.80 6.61
C THR C 86 11.98 3.21 5.20
N PRO C 87 11.60 1.93 4.99
CA PRO C 87 11.80 1.33 3.68
C PRO C 87 11.07 2.09 2.57
N SER C 88 11.72 2.15 1.43
CA SER C 88 11.06 2.65 0.22
C SER C 88 10.01 1.62 -0.27
N ASP C 89 9.30 1.97 -1.33
CA ASP C 89 8.33 1.02 -1.91
C ASP C 89 9.07 -0.24 -2.38
N TRP C 90 10.27 -0.06 -2.94
CA TRP C 90 11.13 -1.17 -3.36
C TRP C 90 11.63 -1.96 -2.18
N ASP C 91 12.19 -1.29 -1.18
CA ASP C 91 12.76 -1.99 -0.03
C ASP C 91 11.68 -2.85 0.64
N THR C 92 10.47 -2.32 0.72
CA THR C 92 9.33 -3.04 1.35
C THR C 92 9.05 -4.37 0.63
N ASP C 93 9.05 -4.31 -0.69
CA ASP C 93 8.83 -5.50 -1.50
C ASP C 93 10.00 -6.44 -1.42
N LEU C 94 11.22 -5.89 -1.49
CA LEU C 94 12.41 -6.70 -1.51
C LEU C 94 12.66 -7.52 -0.23
N TRP C 95 12.44 -6.87 0.93
CA TRP C 95 12.73 -7.49 2.20
C TRP C 95 11.59 -8.37 2.74
N GLU C 96 10.44 -8.33 2.06
CA GLU C 96 9.33 -9.25 2.35
C GLU C 96 9.03 -9.29 3.85
N ASP C 97 9.18 -10.45 4.51
CA ASP C 97 8.84 -10.64 5.93
C ASP C 97 9.53 -9.64 6.81
N LEU C 98 10.75 -9.26 6.45
CA LEU C 98 11.60 -8.46 7.34
C LEU C 98 11.34 -6.98 7.21
N ALA C 99 10.47 -6.58 6.29
CA ALA C 99 10.15 -5.18 6.07
C ALA C 99 9.47 -4.47 7.24
N ILE C 100 8.98 -5.22 8.18
CA ILE C 100 8.38 -4.63 9.36
C ILE C 100 9.37 -4.23 10.46
N ASP C 101 10.64 -4.67 10.36
CA ASP C 101 11.65 -4.32 11.35
C ASP C 101 12.07 -2.86 11.29
N LYS C 102 12.39 -2.30 12.43
CA LYS C 102 12.92 -0.94 12.48
C LYS C 102 14.36 -1.05 11.95
N ALA C 103 14.63 -0.32 10.88
CA ALA C 103 15.93 -0.42 10.24
C ALA C 103 16.30 0.84 9.52
N TYR C 104 17.59 1.07 9.32
CA TYR C 104 18.04 2.07 8.37
C TYR C 104 18.40 1.31 7.08
N TYR C 105 18.01 1.83 5.89
CA TYR C 105 18.35 1.22 4.59
C TYR C 105 19.37 2.17 3.95
N LEU C 106 20.57 1.73 3.73
CA LEU C 106 21.61 2.56 3.17
C LEU C 106 21.56 2.39 1.65
N HIS C 107 21.01 3.38 1.02
CA HIS C 107 20.79 3.30 -0.43
C HIS C 107 22.02 3.58 -1.28
N ARG C 108 22.76 4.55 -0.86
CA ARG C 108 23.89 5.11 -1.65
C ARG C 108 24.87 5.74 -0.71
N ILE C 109 26.14 5.44 -0.92
CA ILE C 109 27.22 5.98 -0.12
C ILE C 109 28.12 6.61 -1.15
N MSE C 110 28.12 7.94 -1.20
N MSE C 110 28.13 7.96 -1.22
CA MSE C 110 28.85 8.64 -2.22
CA MSE C 110 28.79 8.71 -2.29
C MSE C 110 30.11 9.17 -1.58
C MSE C 110 30.05 9.39 -1.76
O MSE C 110 30.09 9.68 -0.45
O MSE C 110 29.95 10.27 -0.91
CB MSE C 110 28.04 9.77 -2.81
CB MSE C 110 27.88 9.82 -2.85
CG MSE C 110 26.73 9.30 -3.44
CG MSE C 110 26.77 9.34 -3.79
SE MSE C 110 25.81 10.84 -4.07
SE MSE C 110 25.19 10.44 -3.74
CE MSE C 110 24.68 11.05 -2.49
CE MSE C 110 25.98 12.10 -3.56
N VAL C 111 31.22 8.99 -2.28
CA VAL C 111 32.48 9.56 -1.85
C VAL C 111 32.96 10.47 -2.97
N SER C 112 33.24 11.72 -2.62
N SER C 112 33.24 11.73 -2.64
CA SER C 112 33.87 12.67 -3.50
CA SER C 112 33.79 12.66 -3.62
C SER C 112 35.21 12.11 -4.04
C SER C 112 35.19 12.18 -4.05
N ARG C 113 35.50 12.36 -5.32
CA ARG C 113 36.76 11.85 -5.86
C ARG C 113 37.95 12.47 -5.13
N ALA C 114 37.81 13.71 -4.67
CA ALA C 114 38.91 14.33 -3.92
C ALA C 114 39.27 13.52 -2.68
N PHE C 115 38.32 12.78 -2.11
CA PHE C 115 38.57 11.99 -0.82
C PHE C 115 38.46 10.45 -0.98
N SER C 116 38.69 10.02 -2.22
CA SER C 116 38.65 8.61 -2.55
C SER C 116 39.95 7.96 -2.13
N GLY C 117 39.94 6.66 -1.92
CA GLY C 117 41.19 5.98 -1.57
C GLY C 117 41.68 6.10 -0.13
N ILE C 118 40.79 6.49 0.79
CA ILE C 118 41.05 6.45 2.22
C ILE C 118 40.02 5.60 2.97
N SER C 119 39.23 4.81 2.25
CA SER C 119 38.20 3.97 2.87
C SER C 119 37.22 4.75 3.70
N LEU C 120 36.88 5.95 3.20
CA LEU C 120 35.81 6.74 3.76
C LEU C 120 34.48 5.98 3.82
N SER C 121 34.11 5.23 2.78
N SER C 121 34.12 5.24 2.77
CA SER C 121 32.81 4.54 2.81
CA SER C 121 32.87 4.46 2.77
C SER C 121 32.64 3.60 4.03
C SER C 121 32.66 3.63 4.02
N LYS C 122 33.71 2.92 4.43
CA LYS C 122 33.66 2.11 5.64
C LYS C 122 33.31 2.93 6.85
N GLN C 123 33.88 4.13 6.97
CA GLN C 123 33.60 4.96 8.13
C GLN C 123 32.22 5.59 8.11
N MSE C 124 31.72 5.83 6.90
CA MSE C 124 30.33 6.29 6.71
C MSE C 124 29.31 5.20 7.15
O MSE C 124 28.36 5.48 7.88
CB MSE C 124 30.08 6.76 5.25
CG MSE C 124 31.05 7.94 4.85
SE MSE C 124 31.10 8.40 3.02
CE MSE C 124 29.30 8.86 2.73
N ILE C 125 29.58 3.95 6.77
CA ILE C 125 28.73 2.83 7.28
C ILE C 125 28.81 2.75 8.80
N TYR C 126 30.02 2.89 9.34
CA TYR C 126 30.21 2.88 10.77
C TYR C 126 29.44 3.98 11.46
N PHE C 127 29.44 5.18 10.88
CA PHE C 127 28.59 6.24 11.40
C PHE C 127 27.11 5.81 11.50
N ALA C 128 26.62 5.15 10.45
CA ALA C 128 25.24 4.65 10.42
C ALA C 128 25.01 3.66 11.59
N GLU C 129 26.02 2.80 11.84
CA GLU C 129 25.98 1.90 13.00
C GLU C 129 25.89 2.64 14.33
N LYS C 130 26.76 3.63 14.53
CA LYS C 130 26.79 4.40 15.77
C LYS C 130 25.47 5.12 15.97
N LEU C 131 24.94 5.67 14.88
CA LEU C 131 23.69 6.38 14.91
C LEU C 131 22.57 5.42 15.30
N GLY C 132 22.53 4.27 14.64
CA GLY C 132 21.48 3.32 14.97
C GLY C 132 21.51 2.88 16.41
N ILE C 133 22.71 2.70 16.96
CA ILE C 133 22.83 2.35 18.36
C ILE C 133 22.29 3.51 19.21
N GLU C 134 22.67 4.74 18.87
CA GLU C 134 22.17 5.94 19.55
C GLU C 134 20.66 6.01 19.51
N MSE C 135 20.07 5.71 18.35
CA MSE C 135 18.64 5.93 18.10
C MSE C 135 17.80 4.71 18.33
O MSE C 135 16.62 4.70 17.99
CB MSE C 135 18.38 6.39 16.67
CG MSE C 135 19.07 7.69 16.31
SE MSE C 135 18.60 9.15 17.53
CE MSE C 135 16.75 9.16 16.97
N SER C 136 18.41 3.66 18.90
CA SER C 136 17.74 2.39 19.18
C SER C 136 17.11 1.76 17.93
N VAL C 137 17.81 1.88 16.80
CA VAL C 137 17.44 1.21 15.54
C VAL C 137 18.25 -0.09 15.46
N PRO C 138 17.57 -1.23 15.44
CA PRO C 138 18.26 -2.52 15.52
C PRO C 138 19.02 -3.03 14.32
N PHE C 139 18.71 -2.54 13.12
CA PHE C 139 19.33 -3.08 11.91
C PHE C 139 19.79 -2.00 10.98
N ILE C 140 20.97 -2.19 10.38
CA ILE C 140 21.42 -1.49 9.17
C ILE C 140 21.31 -2.49 8.02
N ARG C 141 20.70 -2.07 6.92
CA ARG C 141 20.42 -2.91 5.79
C ARG C 141 20.92 -2.34 4.49
N LEU C 142 21.38 -3.22 3.62
CA LEU C 142 21.70 -2.80 2.26
C LEU C 142 21.66 -4.04 1.38
N ASP C 143 21.93 -3.84 0.10
CA ASP C 143 21.84 -4.93 -0.85
C ASP C 143 22.82 -4.75 -1.97
N CYS C 144 23.06 -5.82 -2.69
CA CYS C 144 23.88 -5.78 -3.87
C CYS C 144 23.48 -6.88 -4.79
N ILE C 145 23.83 -6.73 -6.08
CA ILE C 145 23.46 -7.81 -7.01
C ILE C 145 24.25 -9.09 -6.73
N GLU C 146 23.65 -10.21 -7.10
CA GLU C 146 24.15 -11.53 -6.78
C GLU C 146 25.58 -11.69 -7.28
N SER C 147 25.88 -11.18 -8.48
CA SER C 147 27.17 -11.41 -9.13
C SER C 147 28.22 -10.35 -8.83
N ASN C 148 27.93 -9.43 -7.92
CA ASN C 148 28.87 -8.36 -7.55
C ASN C 148 29.81 -8.89 -6.47
N GLU C 149 30.86 -9.54 -6.88
N GLU C 149 30.86 -9.60 -6.92
CA GLU C 149 31.62 -10.26 -5.88
CA GLU C 149 31.83 -10.27 -6.02
C GLU C 149 32.49 -9.28 -5.03
C GLU C 149 32.47 -9.26 -5.04
N THR C 150 32.76 -8.07 -5.54
CA THR C 150 33.38 -7.00 -4.73
C THR C 150 32.56 -6.53 -3.54
N LEU C 151 31.28 -6.25 -3.75
CA LEU C 151 30.46 -5.82 -2.62
C LEU C 151 30.08 -7.01 -1.76
N ASN C 152 29.87 -8.17 -2.36
CA ASN C 152 29.60 -9.34 -1.55
C ASN C 152 30.73 -9.57 -0.58
N GLN C 153 31.96 -9.50 -1.06
CA GLN C 153 33.13 -9.68 -0.17
C GLN C 153 33.22 -8.59 0.84
N MSE C 154 32.99 -7.36 0.41
CA MSE C 154 33.11 -6.24 1.27
C MSE C 154 32.09 -6.27 2.40
O MSE C 154 32.38 -5.94 3.56
CB MSE C 154 32.93 -4.95 0.50
CG MSE C 154 33.17 -3.73 1.34
SE MSE C 154 32.89 -2.05 0.43
CE MSE C 154 31.14 -1.70 1.11
N TYR C 155 30.85 -6.58 2.05
CA TYR C 155 29.84 -6.60 3.09
C TYR C 155 30.14 -7.68 4.17
N VAL C 156 30.51 -8.88 3.75
CA VAL C 156 30.85 -9.95 4.68
C VAL C 156 32.01 -9.49 5.55
N ARG C 157 33.02 -8.87 4.93
CA ARG C 157 34.22 -8.37 5.65
C ARG C 157 33.84 -7.31 6.67
N TYR C 158 32.84 -6.47 6.37
CA TYR C 158 32.43 -5.39 7.27
C TYR C 158 31.45 -5.86 8.36
N GLY C 159 31.14 -7.15 8.42
CA GLY C 159 30.33 -7.71 9.49
C GLY C 159 28.84 -7.86 9.20
N PHE C 160 28.45 -7.68 7.94
CA PHE C 160 27.03 -7.89 7.56
C PHE C 160 26.73 -9.38 7.43
N GLN C 161 25.46 -9.72 7.62
N GLN C 161 25.48 -9.73 7.74
CA GLN C 161 24.99 -11.08 7.50
CA GLN C 161 24.92 -11.08 7.58
C GLN C 161 23.97 -11.25 6.38
C GLN C 161 24.08 -11.16 6.29
N PHE C 162 24.19 -12.26 5.56
CA PHE C 162 23.34 -12.58 4.47
C PHE C 162 21.92 -12.87 4.98
N SER C 163 20.93 -12.16 4.41
CA SER C 163 19.56 -12.31 4.82
C SER C 163 18.56 -12.80 3.80
N GLY C 164 18.95 -13.03 2.56
CA GLY C 164 18.04 -13.54 1.54
C GLY C 164 18.42 -13.05 0.18
N LYS C 165 17.65 -13.48 -0.81
CA LYS C 165 17.88 -13.15 -2.20
C LYS C 165 16.53 -12.89 -2.85
N LYS C 166 16.44 -11.80 -3.61
CA LYS C 166 15.24 -11.49 -4.36
C LYS C 166 15.60 -10.56 -5.51
N ASN C 167 14.94 -10.76 -6.66
CA ASN C 167 15.02 -9.84 -7.82
C ASN C 167 16.45 -9.59 -8.33
N GLY C 168 17.32 -10.59 -8.14
CA GLY C 168 18.71 -10.50 -8.54
C GLY C 168 19.66 -9.86 -7.53
N PHE C 169 19.13 -9.59 -6.35
CA PHE C 169 19.87 -9.01 -5.25
C PHE C 169 20.05 -9.96 -4.07
N TYR C 170 21.19 -9.86 -3.43
CA TYR C 170 21.45 -10.39 -2.11
C TYR C 170 21.22 -9.27 -1.09
N LEU C 171 20.55 -9.66 0.00
N LEU C 171 20.61 -9.68 0.03
CA LEU C 171 20.19 -8.77 1.09
CA LEU C 171 20.20 -8.80 1.11
C LEU C 171 21.14 -9.00 2.24
C LEU C 171 21.09 -9.00 2.30
N TYR C 172 21.61 -7.90 2.81
CA TYR C 172 22.52 -7.92 3.91
C TYR C 172 22.09 -7.02 5.05
N GLN C 173 22.31 -7.49 6.28
CA GLN C 173 22.03 -6.65 7.45
C GLN C 173 23.04 -6.81 8.54
N LYS C 174 23.15 -5.76 9.35
CA LYS C 174 23.93 -5.81 10.57
C LYS C 174 23.03 -5.52 11.74
N GLU C 175 22.93 -6.46 12.69
CA GLU C 175 22.17 -6.28 13.91
C GLU C 175 23.01 -5.47 14.90
N LEU C 176 22.47 -4.37 15.40
CA LEU C 176 23.21 -3.46 16.27
C LEU C 176 22.94 -3.70 17.78
N GLN D 4 -10.38 7.11 -27.18
CA GLN D 4 -9.63 6.25 -28.14
C GLN D 4 -8.30 5.81 -27.53
N ASN D 5 -8.38 4.78 -26.69
CA ASN D 5 -7.21 4.24 -25.95
C ASN D 5 -6.55 3.04 -26.64
N LYS D 6 -6.80 2.88 -27.95
CA LYS D 6 -6.21 1.79 -28.72
C LYS D 6 -5.12 2.37 -29.62
N ILE D 7 -4.06 1.59 -29.78
CA ILE D 7 -2.86 1.95 -30.54
C ILE D 7 -2.53 0.71 -31.36
N THR D 8 -2.04 0.90 -32.59
CA THR D 8 -1.55 -0.22 -33.41
C THR D 8 -0.08 0.05 -33.68
N ALA D 9 0.78 -0.93 -33.48
CA ALA D 9 2.19 -0.83 -33.82
C ALA D 9 2.62 -2.21 -34.26
N GLY D 10 3.40 -2.30 -35.34
CA GLY D 10 3.87 -3.60 -35.80
C GLY D 10 2.76 -4.60 -36.15
N GLY D 11 1.60 -4.07 -36.53
CA GLY D 11 0.43 -4.90 -36.80
C GLY D 11 -0.27 -5.49 -35.59
N LEU D 12 0.13 -5.06 -34.38
CA LEU D 12 -0.41 -5.55 -33.13
C LEU D 12 -1.21 -4.40 -32.49
N GLU D 13 -2.27 -4.76 -31.76
CA GLU D 13 -3.11 -3.82 -31.06
C GLU D 13 -2.62 -3.69 -29.61
N PHE D 14 -2.62 -2.45 -29.14
CA PHE D 14 -2.22 -2.13 -27.76
C PHE D 14 -3.28 -1.24 -27.15
N LEU D 15 -3.44 -1.36 -25.84
CA LEU D 15 -4.39 -0.55 -25.10
C LEU D 15 -3.62 0.28 -24.10
N VAL D 16 -4.02 1.54 -23.95
N VAL D 16 -4.06 1.52 -23.89
CA VAL D 16 -3.38 2.45 -23.00
CA VAL D 16 -3.37 2.44 -23.02
C VAL D 16 -4.30 2.71 -21.81
C VAL D 16 -4.26 2.83 -21.84
N ARG D 17 -3.68 2.80 -20.65
CA ARG D 17 -4.38 3.18 -19.43
C ARG D 17 -3.37 3.62 -18.39
N PHE D 18 -3.82 4.44 -17.45
CA PHE D 18 -2.99 4.81 -16.30
C PHE D 18 -2.91 3.64 -15.31
N ALA D 19 -1.74 3.43 -14.78
CA ALA D 19 -1.52 2.39 -13.75
C ALA D 19 -2.43 2.53 -12.54
N ALA D 20 -2.78 1.37 -11.99
CA ALA D 20 -3.46 1.24 -10.71
C ALA D 20 -2.54 0.54 -9.70
N PRO D 21 -2.87 0.58 -8.38
CA PRO D 21 -2.07 -0.14 -7.38
C PRO D 21 -1.72 -1.60 -7.73
N THR D 22 -2.69 -2.31 -8.29
CA THR D 22 -2.49 -3.71 -8.67
C THR D 22 -1.47 -3.94 -9.80
N ASP D 23 -1.01 -2.88 -10.43
CA ASP D 23 -0.03 -2.97 -11.50
C ASP D 23 1.42 -2.86 -11.01
N ARG D 24 1.62 -2.61 -9.74
CA ARG D 24 2.96 -2.32 -9.24
C ARG D 24 3.97 -3.44 -9.51
N LEU D 25 3.57 -4.65 -9.26
CA LEU D 25 4.51 -5.73 -9.47
C LEU D 25 4.95 -5.88 -10.97
N LYS D 26 4.03 -5.76 -11.91
CA LYS D 26 4.40 -5.82 -13.33
C LYS D 26 5.29 -4.67 -13.78
N ILE D 27 5.03 -3.49 -13.22
CA ILE D 27 5.89 -2.33 -13.46
C ILE D 27 7.31 -2.58 -12.93
N ASN D 28 7.42 -3.04 -11.69
N ASN D 28 7.39 -3.05 -11.70
CA ASN D 28 8.74 -3.38 -11.14
CA ASN D 28 8.68 -3.36 -11.11
C ASN D 28 9.45 -4.31 -12.10
C ASN D 28 9.45 -4.34 -12.01
N ASP D 29 8.75 -5.35 -12.55
CA ASP D 29 9.40 -6.34 -13.42
C ASP D 29 9.95 -5.70 -14.71
N LEU D 30 9.18 -4.82 -15.32
CA LEU D 30 9.59 -4.14 -16.54
C LEU D 30 10.81 -3.24 -16.24
N MSE D 31 10.78 -2.52 -15.13
CA MSE D 31 11.92 -1.67 -14.78
C MSE D 31 13.19 -2.50 -14.53
O MSE D 31 14.23 -2.16 -15.08
CB MSE D 31 11.62 -0.86 -13.54
CG MSE D 31 10.49 0.18 -13.62
SE MSE D 31 10.15 1.19 -12.11
CE MSE D 31 9.21 2.64 -12.85
N ILE D 32 13.09 -3.62 -13.83
CA ILE D 32 14.19 -4.53 -13.65
C ILE D 32 14.71 -5.03 -15.00
N ASP D 33 13.81 -5.49 -15.87
N ASP D 33 13.80 -5.52 -15.85
CA ASP D 33 14.29 -6.07 -17.12
CA ASP D 33 14.19 -6.06 -17.16
C ASP D 33 14.89 -5.03 -18.07
C ASP D 33 14.94 -5.01 -17.99
N THR D 34 14.40 -3.79 -18.01
CA THR D 34 14.92 -2.72 -18.82
C THR D 34 16.35 -2.36 -18.33
N ALA D 35 16.52 -2.21 -17.03
CA ALA D 35 17.85 -1.93 -16.47
C ALA D 35 18.85 -3.02 -16.83
N ARG D 36 18.45 -4.29 -16.73
N ARG D 36 18.40 -4.27 -16.74
CA ARG D 36 19.33 -5.38 -17.10
CA ARG D 36 19.22 -5.43 -17.07
C ARG D 36 19.68 -5.27 -18.60
C ARG D 36 19.61 -5.43 -18.56
N TRP D 37 18.68 -5.02 -19.42
CA TRP D 37 18.88 -4.98 -20.87
C TRP D 37 19.86 -3.88 -21.21
N LEU D 38 19.69 -2.68 -20.62
CA LEU D 38 20.66 -1.63 -20.85
C LEU D 38 22.06 -2.05 -20.54
N LYS D 39 22.26 -2.73 -19.41
CA LYS D 39 23.60 -3.16 -19.05
C LYS D 39 24.12 -4.22 -20.05
N GLU D 40 23.28 -5.20 -20.34
CA GLU D 40 23.65 -6.32 -21.21
C GLU D 40 24.06 -5.82 -22.61
N SER D 41 23.33 -4.83 -23.09
CA SER D 41 23.49 -4.35 -24.45
C SER D 41 24.72 -3.43 -24.59
N GLY D 42 25.29 -3.01 -23.46
CA GLY D 42 26.42 -2.09 -23.48
C GLY D 42 26.03 -0.66 -23.85
N SER D 43 24.75 -0.35 -23.82
CA SER D 43 24.25 0.95 -24.33
C SER D 43 23.99 1.99 -23.19
N THR D 44 24.34 1.62 -21.97
CA THR D 44 24.29 2.53 -20.83
C THR D 44 25.13 3.79 -20.99
N GLN D 45 24.51 4.90 -20.63
CA GLN D 45 25.12 6.21 -20.56
C GLN D 45 25.08 6.67 -19.12
N TRP D 46 25.88 7.66 -18.78
CA TRP D 46 25.90 8.14 -17.43
C TRP D 46 24.58 8.73 -16.99
N SER D 47 23.79 9.22 -17.93
CA SER D 47 22.43 9.72 -17.63
C SER D 47 21.48 8.63 -17.10
N ASP D 48 21.64 7.38 -17.58
CA ASP D 48 20.88 6.25 -17.06
C ASP D 48 21.28 5.95 -15.62
N ILE D 49 22.57 6.04 -15.36
N ILE D 49 22.58 6.07 -15.37
CA ILE D 49 23.06 5.82 -13.99
CA ILE D 49 23.17 5.88 -14.02
C ILE D 49 22.52 6.90 -13.04
C ILE D 49 22.71 6.94 -13.00
N LEU D 50 22.47 8.15 -13.49
CA LEU D 50 21.95 9.22 -12.69
C LEU D 50 20.46 9.00 -12.42
N HIS D 51 19.65 8.88 -13.46
CA HIS D 51 18.20 8.90 -13.31
C HIS D 51 17.61 7.61 -12.79
N GLY D 52 18.14 6.47 -13.20
CA GLY D 52 17.55 5.21 -12.77
C GLY D 52 16.13 5.01 -13.23
N PHE D 53 15.46 4.03 -12.61
CA PHE D 53 14.06 3.70 -12.84
C PHE D 53 13.37 3.78 -11.50
N ASP D 54 12.23 4.46 -11.46
CA ASP D 54 11.58 4.88 -10.20
C ASP D 54 10.88 3.74 -9.43
N VAL D 55 11.65 2.77 -9.01
CA VAL D 55 11.15 1.71 -8.14
C VAL D 55 10.84 2.15 -6.72
N HIS D 56 11.57 3.12 -6.21
CA HIS D 56 11.39 3.53 -4.83
C HIS D 56 10.15 4.32 -4.50
N ASN D 57 9.61 5.00 -5.52
CA ASN D 57 8.45 5.85 -5.40
C ASN D 57 7.29 5.45 -6.29
N ILE D 58 7.26 4.19 -6.74
CA ILE D 58 6.28 3.77 -7.69
C ILE D 58 4.85 3.95 -7.16
N GLU D 59 4.62 3.80 -5.86
CA GLU D 59 3.26 3.94 -5.35
C GLU D 59 2.76 5.40 -5.47
N GLN D 60 3.66 6.34 -5.22
N GLN D 60 3.63 6.36 -5.22
CA GLN D 60 3.39 7.76 -5.40
CA GLN D 60 3.25 7.76 -5.39
C GLN D 60 3.11 8.06 -6.86
C GLN D 60 3.11 8.09 -6.89
N ARG D 61 3.93 7.51 -7.76
CA ARG D 61 3.71 7.70 -9.21
C ARG D 61 2.29 7.26 -9.56
N ILE D 62 1.91 6.10 -9.04
CA ILE D 62 0.60 5.55 -9.34
C ILE D 62 -0.51 6.46 -8.78
N GLU D 63 -0.40 6.85 -7.53
CA GLU D 63 -1.36 7.68 -6.86
C GLU D 63 -1.59 8.98 -7.62
N LEU D 64 -0.52 9.55 -8.16
CA LEU D 64 -0.57 10.85 -8.85
C LEU D 64 -0.97 10.74 -10.34
N GLY D 65 -1.17 9.52 -10.85
CA GLY D 65 -1.52 9.36 -12.25
C GLY D 65 -0.37 9.65 -13.20
N GLU D 66 0.86 9.34 -12.76
CA GLU D 66 2.06 9.63 -13.51
C GLU D 66 2.68 8.41 -14.21
N VAL D 67 1.97 7.27 -14.26
CA VAL D 67 2.51 6.10 -14.95
C VAL D 67 1.46 5.64 -15.95
N ALA D 68 1.78 5.71 -17.23
CA ALA D 68 0.95 5.24 -18.37
C ALA D 68 1.47 3.86 -18.82
N LEU D 69 0.54 2.93 -18.93
CA LEU D 69 0.80 1.54 -19.33
C LEU D 69 0.22 1.30 -20.74
N PHE D 70 0.99 0.52 -21.47
CA PHE D 70 0.68 0.13 -22.85
C PHE D 70 0.72 -1.39 -22.88
N GLU D 71 -0.47 -1.97 -23.02
CA GLU D 71 -0.62 -3.43 -22.91
C GLU D 71 -1.14 -4.07 -24.17
N THR D 72 -0.78 -5.32 -24.41
CA THR D 72 -1.38 -6.02 -25.51
C THR D 72 -2.76 -6.46 -25.12
N GLU D 73 -3.58 -6.82 -26.11
CA GLU D 73 -4.89 -7.40 -25.82
C GLU D 73 -4.81 -8.62 -24.92
N ALA D 74 -3.75 -9.42 -25.04
CA ALA D 74 -3.51 -10.55 -24.14
C ALA D 74 -3.08 -10.20 -22.75
N GLY D 75 -2.72 -8.94 -22.55
CA GLY D 75 -2.44 -8.45 -21.22
C GLY D 75 -0.98 -8.28 -20.86
N ALA D 76 -0.07 -8.45 -21.81
CA ALA D 76 1.35 -8.19 -21.57
C ALA D 76 1.59 -6.68 -21.40
N LEU D 77 2.50 -6.34 -20.49
CA LEU D 77 2.96 -4.97 -20.34
C LEU D 77 4.07 -4.72 -21.38
N ALA D 78 3.67 -4.14 -22.49
CA ALA D 78 4.55 -3.87 -23.63
C ALA D 78 5.36 -2.61 -23.43
N GLY D 79 4.81 -1.66 -22.70
CA GLY D 79 5.52 -0.45 -22.42
C GLY D 79 4.97 0.29 -21.23
N ALA D 80 5.79 1.11 -20.63
CA ALA D 80 5.35 1.99 -19.55
C ALA D 80 6.11 3.30 -19.63
N MSE D 81 5.48 4.39 -19.20
N MSE D 81 5.43 4.38 -19.22
CA MSE D 81 6.11 5.70 -19.29
CA MSE D 81 5.90 5.75 -19.33
C MSE D 81 5.75 6.48 -18.09
C MSE D 81 5.73 6.43 -18.00
O MSE D 81 4.58 6.50 -17.70
O MSE D 81 4.68 6.31 -17.40
CB MSE D 81 5.69 6.41 -20.54
CB MSE D 81 5.03 6.52 -20.33
CG MSE D 81 5.95 7.93 -20.62
CG MSE D 81 5.62 7.85 -20.73
SE MSE D 81 5.19 8.70 -22.31
SE MSE D 81 4.77 8.48 -22.40
CE MSE D 81 3.75 7.45 -22.28
CE MSE D 81 2.98 8.52 -21.75
N ILE D 82 6.75 7.14 -17.54
CA ILE D 82 6.58 8.01 -16.39
C ILE D 82 6.41 9.44 -16.92
N ILE D 83 5.24 10.01 -16.70
CA ILE D 83 4.88 11.38 -17.14
C ILE D 83 4.59 12.15 -15.88
N ARG D 84 5.59 12.92 -15.42
CA ARG D 84 5.46 13.76 -14.23
C ARG D 84 4.54 14.92 -14.59
N LYS D 85 3.52 15.15 -13.75
CA LYS D 85 2.54 16.22 -14.05
C LYS D 85 2.97 17.53 -13.45
N THR D 86 3.94 17.50 -12.55
CA THR D 86 4.61 18.69 -12.01
C THR D 86 6.11 18.35 -11.96
N PRO D 87 7.00 19.36 -12.12
CA PRO D 87 8.41 19.01 -12.24
C PRO D 87 8.96 18.37 -10.96
N SER D 88 9.86 17.39 -11.14
CA SER D 88 10.62 16.85 -10.04
C SER D 88 11.59 17.94 -9.48
N ASP D 89 12.37 17.59 -8.47
CA ASP D 89 13.35 18.54 -7.97
C ASP D 89 14.42 18.75 -9.02
N TRP D 90 14.76 17.71 -9.77
CA TRP D 90 15.75 17.79 -10.82
C TRP D 90 15.24 18.63 -11.98
N ASP D 91 14.01 18.35 -12.39
CA ASP D 91 13.36 19.11 -13.51
C ASP D 91 13.35 20.61 -13.18
N THR D 92 13.02 20.92 -11.93
CA THR D 92 12.97 22.34 -11.49
C THR D 92 14.37 22.95 -11.56
N ASP D 93 15.38 22.21 -11.08
CA ASP D 93 16.74 22.71 -11.09
C ASP D 93 17.20 22.89 -12.54
N LEU D 94 16.93 21.92 -13.41
CA LEU D 94 17.47 21.96 -14.75
C LEU D 94 16.86 23.07 -15.61
N TRP D 95 15.56 23.29 -15.42
CA TRP D 95 14.78 24.17 -16.27
C TRP D 95 14.85 25.63 -15.82
N GLU D 96 15.36 25.85 -14.61
CA GLU D 96 15.65 27.24 -14.15
C GLU D 96 14.41 28.09 -14.32
N ASP D 97 14.52 29.21 -15.03
CA ASP D 97 13.39 30.12 -15.07
C ASP D 97 12.12 29.55 -15.73
N LEU D 98 12.28 28.52 -16.56
CA LEU D 98 11.14 27.90 -17.23
C LEU D 98 10.36 26.91 -16.33
N ALA D 99 10.92 26.60 -15.15
CA ALA D 99 10.34 25.57 -14.26
C ALA D 99 8.97 25.98 -13.73
N ILE D 100 8.67 27.28 -13.76
CA ILE D 100 7.33 27.74 -13.38
C ILE D 100 6.21 27.53 -14.42
N ASP D 101 6.56 27.25 -15.66
CA ASP D 101 5.55 27.00 -16.68
C ASP D 101 4.77 25.72 -16.43
N LYS D 102 3.50 25.73 -16.82
CA LYS D 102 2.69 24.53 -16.84
C LYS D 102 3.28 23.57 -17.91
N ALA D 103 3.69 22.40 -17.49
CA ALA D 103 4.32 21.41 -18.34
C ALA D 103 4.25 20.04 -17.74
N TYR D 104 4.24 19.04 -18.60
CA TYR D 104 4.47 17.68 -18.20
C TYR D 104 5.90 17.31 -18.57
N TYR D 105 6.53 16.49 -17.72
CA TYR D 105 7.89 16.05 -17.88
C TYR D 105 7.95 14.56 -18.11
N LEU D 106 8.42 14.13 -19.29
N LEU D 106 8.55 14.15 -19.24
CA LEU D 106 8.56 12.70 -19.60
CA LEU D 106 8.60 12.76 -19.64
C LEU D 106 9.87 12.26 -19.03
C LEU D 106 9.89 12.16 -19.13
N HIS D 107 9.80 11.38 -18.06
CA HIS D 107 11.01 10.85 -17.45
C HIS D 107 11.62 9.65 -18.11
N ARG D 108 10.82 8.68 -18.42
CA ARG D 108 11.37 7.42 -18.93
C ARG D 108 10.27 6.81 -19.75
N ILE D 109 10.66 6.34 -20.91
CA ILE D 109 9.83 5.54 -21.82
C ILE D 109 10.52 4.16 -21.83
N MSE D 110 9.82 3.16 -21.34
CA MSE D 110 10.32 1.79 -21.30
C MSE D 110 9.48 0.96 -22.27
O MSE D 110 8.25 1.00 -22.21
CB MSE D 110 10.19 1.16 -19.91
CG MSE D 110 10.98 1.81 -18.90
SE MSE D 110 10.28 1.09 -17.21
CE MSE D 110 9.41 2.65 -16.82
N VAL D 111 10.15 0.19 -23.13
CA VAL D 111 9.51 -0.74 -24.05
C VAL D 111 10.12 -2.10 -23.72
N SER D 112 9.27 -3.09 -23.51
N SER D 112 9.26 -3.08 -23.52
CA SER D 112 9.74 -4.47 -23.27
CA SER D 112 9.65 -4.47 -23.32
C SER D 112 10.45 -5.04 -24.47
C SER D 112 10.47 -5.01 -24.49
N ARG D 113 11.35 -5.97 -24.21
CA ARG D 113 12.15 -6.57 -25.28
C ARG D 113 11.23 -7.17 -26.35
N ALA D 114 10.15 -7.82 -25.91
CA ALA D 114 9.26 -8.49 -26.86
C ALA D 114 8.59 -7.55 -27.84
N PHE D 115 8.41 -6.29 -27.44
CA PHE D 115 7.65 -5.34 -28.25
C PHE D 115 8.50 -4.17 -28.70
N SER D 116 9.80 -4.37 -28.75
CA SER D 116 10.76 -3.42 -29.29
C SER D 116 10.82 -3.55 -30.83
N GLY D 117 11.35 -2.53 -31.47
CA GLY D 117 11.50 -2.52 -32.91
C GLY D 117 10.28 -2.16 -33.72
N ILE D 118 9.18 -1.72 -33.11
CA ILE D 118 7.94 -1.49 -33.87
C ILE D 118 7.42 -0.07 -33.60
N SER D 119 8.33 0.79 -33.22
CA SER D 119 8.09 2.21 -32.92
C SER D 119 7.01 2.46 -31.90
N LEU D 120 6.93 1.59 -30.88
CA LEU D 120 5.95 1.81 -29.82
C LEU D 120 6.23 3.09 -29.09
N SER D 121 7.50 3.45 -28.94
CA SER D 121 7.85 4.62 -28.15
C SER D 121 7.28 5.92 -28.74
N LYS D 122 7.26 6.04 -30.06
CA LYS D 122 6.62 7.22 -30.68
C LYS D 122 5.14 7.39 -30.32
N GLN D 123 4.41 6.28 -30.28
CA GLN D 123 2.99 6.31 -29.96
C GLN D 123 2.79 6.60 -28.47
N MSE D 124 3.74 6.19 -27.65
CA MSE D 124 3.73 6.52 -26.26
C MSE D 124 3.87 8.04 -26.00
O MSE D 124 3.13 8.60 -25.19
CB MSE D 124 4.85 5.74 -25.54
CG MSE D 124 4.55 4.23 -25.60
SE MSE D 124 5.90 3.01 -24.95
CE MSE D 124 5.97 3.55 -23.29
N ILE D 125 4.87 8.63 -26.65
CA ILE D 125 5.05 10.07 -26.58
C ILE D 125 3.77 10.76 -27.08
N TYR D 126 3.19 10.26 -28.16
CA TYR D 126 1.97 10.86 -28.66
C TYR D 126 0.84 10.78 -27.68
N PHE D 127 0.73 9.70 -26.91
CA PHE D 127 -0.25 9.67 -25.83
C PHE D 127 -0.03 10.82 -24.84
N ALA D 128 1.25 11.07 -24.48
CA ALA D 128 1.52 12.16 -23.54
C ALA D 128 1.05 13.50 -24.12
N GLU D 129 1.33 13.71 -25.40
CA GLU D 129 0.85 14.93 -26.08
C GLU D 129 -0.66 15.05 -26.01
N LYS D 130 -1.35 13.97 -26.35
CA LYS D 130 -2.80 13.96 -26.25
C LYS D 130 -3.29 14.28 -24.84
N LEU D 131 -2.66 13.70 -23.83
CA LEU D 131 -3.00 14.00 -22.45
C LEU D 131 -2.80 15.51 -22.15
N GLY D 132 -1.63 16.04 -22.54
CA GLY D 132 -1.36 17.46 -22.32
C GLY D 132 -2.44 18.32 -22.98
N ILE D 133 -2.83 18.01 -24.20
CA ILE D 133 -3.85 18.79 -24.91
C ILE D 133 -5.16 18.72 -24.14
N GLU D 134 -5.54 17.52 -23.69
CA GLU D 134 -6.79 17.34 -22.92
C GLU D 134 -6.78 18.13 -21.62
N MSE D 135 -5.60 18.26 -20.99
CA MSE D 135 -5.47 18.95 -19.71
C MSE D 135 -5.04 20.40 -19.86
O MSE D 135 -4.71 21.04 -18.88
CB MSE D 135 -4.48 18.21 -18.79
CG MSE D 135 -4.86 16.76 -18.54
SE MSE D 135 -6.61 16.58 -17.68
CE MSE D 135 -6.14 17.49 -16.03
N SER D 136 -5.06 20.92 -21.08
CA SER D 136 -4.69 22.32 -21.33
C SER D 136 -3.28 22.64 -20.84
N VAL D 137 -2.37 21.67 -20.98
CA VAL D 137 -0.96 21.88 -20.68
C VAL D 137 -0.19 22.27 -21.96
N PRO D 138 0.50 23.41 -21.94
CA PRO D 138 1.14 23.93 -23.14
C PRO D 138 2.36 23.20 -23.59
N PHE D 139 3.03 22.46 -22.70
CA PHE D 139 4.27 21.83 -23.09
C PHE D 139 4.44 20.40 -22.57
N ILE D 140 5.09 19.55 -23.38
CA ILE D 140 5.72 18.32 -22.94
C ILE D 140 7.21 18.59 -22.98
N ARG D 141 7.87 18.22 -21.89
CA ARG D 141 9.28 18.47 -21.71
C ARG D 141 10.05 17.24 -21.36
N LEU D 142 11.34 17.23 -21.69
CA LEU D 142 12.24 16.16 -21.30
C LEU D 142 13.67 16.62 -21.47
N ASP D 143 14.58 15.85 -20.85
CA ASP D 143 16.01 16.08 -20.96
C ASP D 143 16.68 14.88 -21.59
N CYS D 144 17.80 15.13 -22.23
CA CYS D 144 18.48 14.13 -23.06
C CYS D 144 19.96 14.39 -22.90
N ILE D 145 20.75 13.33 -22.66
CA ILE D 145 22.17 13.47 -22.64
C ILE D 145 22.65 14.15 -23.94
N GLU D 146 23.57 15.10 -23.79
CA GLU D 146 24.01 15.88 -24.92
C GLU D 146 24.71 15.09 -26.02
N SER D 147 25.29 13.95 -25.67
CA SER D 147 26.18 13.17 -26.54
C SER D 147 25.53 12.03 -27.30
N ASN D 148 24.24 11.78 -27.10
CA ASN D 148 23.56 10.70 -27.82
C ASN D 148 22.94 11.26 -29.10
N GLU D 149 23.65 11.10 -30.20
CA GLU D 149 23.26 11.73 -31.46
C GLU D 149 21.96 11.24 -31.98
N THR D 150 21.74 9.93 -31.96
CA THR D 150 20.53 9.41 -32.57
C THR D 150 19.29 9.77 -31.74
N LEU D 151 19.44 9.77 -30.42
CA LEU D 151 18.31 10.07 -29.56
C LEU D 151 17.92 11.55 -29.72
N ASN D 152 18.92 12.44 -29.75
CA ASN D 152 18.70 13.89 -29.95
C ASN D 152 17.99 14.09 -31.30
N GLN D 153 18.48 13.40 -32.34
CA GLN D 153 17.88 13.53 -33.66
C GLN D 153 16.43 13.07 -33.65
N MSE D 154 16.14 11.98 -32.94
N MSE D 154 16.18 12.01 -32.90
CA MSE D 154 14.76 11.50 -32.82
CA MSE D 154 14.86 11.42 -32.74
C MSE D 154 13.88 12.60 -32.22
C MSE D 154 13.85 12.39 -32.07
O MSE D 154 12.85 12.99 -32.81
O MSE D 154 12.67 12.45 -32.43
CB MSE D 154 14.66 10.26 -31.95
CB MSE D 154 15.04 10.14 -31.90
CG MSE D 154 13.28 9.58 -31.92
CG MSE D 154 14.06 9.02 -32.16
SE MSE D 154 11.95 10.22 -30.66
SE MSE D 154 13.43 8.33 -30.45
CE MSE D 154 12.87 9.74 -28.96
CE MSE D 154 12.57 10.05 -30.08
N TYR D 155 14.32 13.15 -31.08
CA TYR D 155 13.46 14.12 -30.43
C TYR D 155 13.19 15.30 -31.33
N VAL D 156 14.19 15.75 -32.07
CA VAL D 156 14.03 16.86 -32.97
C VAL D 156 13.03 16.50 -34.10
N ARG D 157 13.17 15.30 -34.65
CA ARG D 157 12.31 14.83 -35.76
C ARG D 157 10.85 14.77 -35.29
N TYR D 158 10.70 14.39 -34.01
CA TYR D 158 9.40 14.30 -33.37
C TYR D 158 8.71 15.66 -33.14
N GLY D 159 9.50 16.75 -33.14
CA GLY D 159 8.97 18.10 -32.97
C GLY D 159 9.31 18.78 -31.66
N PHE D 160 10.17 18.13 -30.88
CA PHE D 160 10.75 18.76 -29.67
C PHE D 160 11.74 19.86 -30.11
N GLN D 161 11.73 20.98 -29.42
CA GLN D 161 12.64 22.06 -29.68
C GLN D 161 13.68 22.16 -28.60
N PHE D 162 14.93 22.28 -29.04
CA PHE D 162 16.06 22.52 -28.15
C PHE D 162 15.82 23.79 -27.36
N SER D 163 15.92 23.71 -26.04
CA SER D 163 15.52 24.79 -25.15
C SER D 163 16.63 25.15 -24.18
N GLY D 164 17.83 24.65 -24.38
CA GLY D 164 18.94 24.96 -23.48
C GLY D 164 19.76 23.73 -23.15
N LYS D 165 20.85 23.97 -22.45
CA LYS D 165 21.77 22.93 -22.03
C LYS D 165 22.24 23.22 -20.62
N LYS D 166 22.35 22.15 -19.85
CA LYS D 166 22.78 22.26 -18.47
C LYS D 166 23.19 20.89 -17.94
N ASN D 167 24.29 20.87 -17.20
CA ASN D 167 24.75 19.68 -16.49
C ASN D 167 24.95 18.47 -17.40
N GLY D 168 25.33 18.70 -18.66
CA GLY D 168 25.54 17.59 -19.60
C GLY D 168 24.32 17.10 -20.37
N PHE D 169 23.18 17.77 -20.17
CA PHE D 169 21.91 17.49 -20.81
C PHE D 169 21.48 18.63 -21.74
N TYR D 170 20.72 18.25 -22.76
CA TYR D 170 19.94 19.15 -23.60
C TYR D 170 18.49 19.08 -23.13
N LEU D 171 17.88 20.26 -23.07
CA LEU D 171 16.50 20.45 -22.66
C LEU D 171 15.64 20.52 -23.91
N TYR D 172 14.53 19.78 -23.93
CA TYR D 172 13.63 19.70 -25.09
C TYR D 172 12.21 19.95 -24.69
N GLN D 173 11.48 20.76 -25.48
CA GLN D 173 10.06 20.92 -25.23
C GLN D 173 9.28 20.92 -26.54
N LYS D 174 8.11 20.29 -26.49
CA LYS D 174 7.17 20.29 -27.61
C LYS D 174 5.96 21.11 -27.21
N GLU D 175 5.63 22.08 -28.06
CA GLU D 175 4.50 22.99 -27.86
C GLU D 175 3.23 22.32 -28.30
N LEU D 176 2.27 22.23 -27.40
CA LEU D 176 1.02 21.55 -27.68
C LEU D 176 -0.08 22.51 -28.10
N SER D 177 -0.95 22.01 -28.99
CA SER D 177 -2.21 22.66 -29.41
C SER D 177 -3.18 22.84 -28.24
O1 UNL E . -7.50 -24.50 17.20
O2 UNL E . -8.29 -25.73 15.57
O3 UNL E . -10.02 -25.34 14.26
O4 UNL E . -10.26 -26.04 17.43
O5 UNL E . -8.35 -27.56 18.03
O6 UNL E . -10.49 -22.72 14.34
O7 UNL E . -10.72 -20.65 14.81
O8 UNL E . -10.51 -20.98 12.12
O9 UNL E . -12.13 -20.42 11.04
O10 UNL E . -11.71 -21.90 9.55
O11 UNL E . -11.64 -23.17 7.76
O12 UNL E . -11.37 -21.95 6.46
O13 UNL E . -9.97 -21.48 4.93
O14 UNL E . -8.69 -21.85 6.09
O15 UNL E . -8.21 -24.33 5.69
C1 EDO F . -11.06 -23.87 33.45
O1 EDO F . -9.66 -23.69 33.79
C2 EDO F . -11.29 -25.23 32.80
O2 EDO F . -12.61 -25.52 32.34
C1 EDO G . -7.42 -27.55 25.08
O1 EDO G . -6.64 -28.34 24.17
C2 EDO G . -6.51 -26.66 25.91
O2 EDO G . -6.79 -26.57 27.31
O1 UNL H . -35.57 -9.35 2.90
O2 UNL H . -34.19 -9.36 4.77
O3 UNL H . -33.03 -8.86 5.98
O4 UNL H . -31.62 -8.00 5.22
O5 UNL H . -30.47 -6.57 4.82
O6 UNL H . -31.01 -6.51 2.40
C1 EDO I . -17.00 15.71 7.75
O1 EDO I . -15.73 15.57 7.13
C2 EDO I . -17.98 15.51 6.62
O2 EDO I . -19.36 15.51 6.98
C1 EDO J . 18.97 19.41 9.46
O1 EDO J . 18.87 20.79 9.11
C2 EDO J . 19.97 19.22 10.60
O2 EDO J . 19.47 18.29 11.56
C1 EDO K . 13.95 -12.69 0.12
O1 EDO K . 12.95 -13.59 -0.36
C2 EDO K . 13.31 -11.43 0.69
O2 EDO K . 13.62 -11.48 2.11
C1 EDO L . 36.75 5.65 -1.24
O1 EDO L . 37.18 5.19 -2.52
C2 EDO L . 35.57 4.87 -0.70
O2 EDO L . 35.77 4.35 0.59
O1 UNL M . 18.93 -1.94 -26.33
O2 UNL M . 18.29 -1.66 -24.61
O3 UNL M . 16.89 0.13 -23.72
C1 EDO N . 3.85 22.00 -14.00
O1 EDO N . 2.57 21.58 -14.49
C2 EDO N . 3.69 22.92 -12.79
O2 EDO N . 4.25 24.23 -13.01
#